data_7MSN
#
_entry.id   7MSN
#
_cell.length_a   108.730
_cell.length_b   108.730
_cell.length_c   210.697
_cell.angle_alpha   90.000
_cell.angle_beta   90.000
_cell.angle_gamma   90.000
#
_symmetry.space_group_name_H-M   'P 43 21 2'
#
loop_
_entity.id
_entity.type
_entity.pdbx_description
1 polymer 'SPbeta prophage-derived glycosyltransferase SunS'
2 non-polymer "URIDINE-5'-DIPHOSPHATE-GLUCOSE"
#
_entity_poly.entity_id   1
_entity_poly.type   'polypeptide(L)'
_entity_poly.pdbx_seq_one_letter_code
;MKLSDIYLELKKGYADSLLYSDLSLLVNIMEYEKDIDVMSIQSLVAGYEKSDTPTITCGIIVYNESKRIKKCLNSVKDDF
NEIIVLDSYSTDDTVDIIKCDFPDVEIKYEKWKNDFSYARNKIIEYATSEWIYFIDADNLYSKENKGKIAKVARVLEFFS
IDCVVSPYIEEYTGHLYSDTRRMFRLNGKVKFHGKVHEEPMNYNHSLPFNFIVNLKVYHNGYNPSENNIKSKTRRNINLT
EEMLRLEPENPKWLFFFGRELHLLDKDEEAIDYLKKSINNYKKFNDQRHFIDALVLLCTLLLQRNNYVDLTLYLDILETE
YPRCVDVDYFRSAILLVDMQNKLTSLSNMIDEALTDERYSAINTTKDHFKRILISLNIQLENWERVKEISGEIKNDNMKK
EIKQYLANSLHNIEHVLKGIEV
;
_entity_poly.pdbx_strand_id   A,B
#
# COMPACT_ATOMS: atom_id res chain seq x y z
N MET A 1 25.03 -20.49 50.21
CA MET A 1 24.24 -19.37 49.68
C MET A 1 24.61 -18.94 48.21
N LYS A 2 23.68 -19.06 47.25
CA LYS A 2 24.01 -18.72 45.86
C LYS A 2 24.29 -17.22 45.74
N LEU A 3 24.78 -16.81 44.57
CA LEU A 3 25.17 -15.42 44.37
C LEU A 3 23.97 -14.50 44.16
N SER A 4 22.99 -14.93 43.38
CA SER A 4 21.86 -14.04 43.14
C SER A 4 21.11 -13.71 44.43
N ASP A 5 21.26 -14.55 45.47
CA ASP A 5 20.64 -14.28 46.77
C ASP A 5 21.46 -13.31 47.60
N ILE A 6 22.78 -13.40 47.51
CA ILE A 6 23.62 -12.37 48.12
C ILE A 6 23.23 -11.01 47.57
N TYR A 7 22.80 -10.94 46.31
CA TYR A 7 22.42 -9.64 45.75
C TYR A 7 21.04 -9.20 46.24
N LEU A 8 20.16 -10.13 46.61
CA LEU A 8 18.89 -9.75 47.22
C LEU A 8 19.04 -9.26 48.66
N GLU A 9 20.05 -9.72 49.38
CA GLU A 9 20.24 -9.24 50.75
C GLU A 9 21.06 -7.95 50.83
N LEU A 10 21.62 -7.49 49.70
CA LEU A 10 22.17 -6.14 49.54
C LEU A 10 21.16 -5.17 48.95
N LYS A 11 20.51 -5.54 47.85
CA LYS A 11 19.49 -4.67 47.27
C LYS A 11 18.42 -4.33 48.30
N LYS A 12 18.12 -5.29 49.19
CA LYS A 12 17.20 -5.10 50.33
C LYS A 12 18.02 -4.99 51.62
N GLY A 13 18.54 -3.78 51.88
CA GLY A 13 19.26 -3.55 53.11
C GLY A 13 20.55 -2.80 52.86
N TYR A 14 21.67 -3.49 53.01
CA TYR A 14 23.01 -3.01 52.71
C TYR A 14 23.18 -2.30 51.35
N ALA A 15 22.24 -1.41 50.98
CA ALA A 15 22.06 -0.99 49.58
C ALA A 15 22.85 0.25 49.18
N ASP A 16 23.41 1.01 50.12
CA ASP A 16 24.32 2.10 49.81
C ASP A 16 25.78 1.64 49.80
N SER A 17 26.00 0.35 49.97
CA SER A 17 27.29 -0.21 50.32
C SER A 17 28.15 -0.39 49.07
N LEU A 18 29.46 -0.41 49.30
CA LEU A 18 30.40 -0.43 48.18
C LEU A 18 30.42 -1.79 47.49
N LEU A 19 30.15 -2.88 48.21
CA LEU A 19 30.00 -4.18 47.57
C LEU A 19 28.85 -4.16 46.58
N TYR A 20 27.70 -3.64 47.01
CA TYR A 20 26.52 -3.70 46.16
C TYR A 20 26.70 -2.86 44.91
N SER A 21 27.42 -1.74 45.00
CA SER A 21 27.66 -0.95 43.80
C SER A 21 28.44 -1.75 42.77
N ASP A 22 29.58 -2.32 43.19
CA ASP A 22 30.44 -3.02 42.26
C ASP A 22 29.82 -4.33 41.76
N LEU A 23 28.91 -4.92 42.53
CA LEU A 23 28.30 -6.18 42.14
C LEU A 23 27.15 -5.98 41.14
N SER A 24 26.57 -4.78 41.05
CA SER A 24 25.57 -4.49 40.02
C SER A 24 26.18 -4.23 38.65
N LEU A 25 27.50 -4.30 38.54
CA LEU A 25 28.14 -4.33 37.23
C LEU A 25 28.14 -5.72 36.62
N LEU A 26 27.66 -6.72 37.36
CA LEU A 26 27.47 -8.08 36.86
C LEU A 26 26.00 -8.27 36.53
N VAL A 27 25.72 -8.62 35.28
CA VAL A 27 24.36 -8.74 34.76
C VAL A 27 23.87 -10.17 34.90
N ASN A 28 24.70 -11.06 34.41
CA ASN A 28 24.57 -12.49 34.25
C ASN A 28 24.38 -13.26 35.57
N ILE A 29 23.93 -12.60 36.65
CA ILE A 29 24.20 -13.12 38.00
C ILE A 29 23.37 -14.35 38.34
N MET A 30 22.06 -14.34 38.08
CA MET A 30 21.29 -15.52 38.48
C MET A 30 21.76 -16.79 37.76
N GLU A 31 22.52 -16.64 36.67
CA GLU A 31 23.06 -17.76 35.93
C GLU A 31 24.19 -18.46 36.68
N TYR A 32 24.81 -17.76 37.64
CA TYR A 32 25.96 -18.30 38.35
C TYR A 32 25.48 -19.33 39.36
N GLU A 33 25.74 -20.60 39.05
CA GLU A 33 25.13 -21.73 39.73
C GLU A 33 25.88 -22.13 41.00
N LYS A 34 27.20 -21.98 41.01
CA LYS A 34 28.00 -22.32 42.18
C LYS A 34 27.51 -21.55 43.40
N ASP A 35 27.59 -22.22 44.56
CA ASP A 35 27.20 -21.69 45.85
C ASP A 35 28.42 -21.04 46.49
N ILE A 36 28.18 -20.12 47.42
CA ILE A 36 29.24 -19.29 47.97
C ILE A 36 29.23 -19.36 49.50
N ASP A 37 30.42 -19.50 50.09
CA ASP A 37 30.60 -19.59 51.54
C ASP A 37 30.64 -18.17 52.13
N VAL A 38 29.60 -17.83 52.89
CA VAL A 38 29.48 -16.54 53.55
C VAL A 38 29.57 -16.73 55.06
N MET A 39 29.90 -15.66 55.78
CA MET A 39 29.75 -15.69 57.24
C MET A 39 28.33 -15.20 57.62
N SER A 40 28.13 -13.88 57.70
CA SER A 40 26.80 -13.25 57.61
C SER A 40 26.79 -12.37 56.36
N ILE A 41 25.74 -11.57 56.21
CA ILE A 41 25.79 -10.56 55.15
C ILE A 41 26.81 -9.48 55.54
N GLN A 42 26.60 -8.84 56.70
CA GLN A 42 27.53 -7.86 57.27
C GLN A 42 29.01 -8.23 57.13
N SER A 43 29.40 -9.39 57.63
CA SER A 43 30.78 -9.84 57.51
C SER A 43 31.29 -9.69 56.08
N LEU A 44 30.39 -9.85 55.11
CA LEU A 44 30.78 -10.00 53.73
C LEU A 44 30.92 -8.65 53.03
N VAL A 45 30.07 -7.67 53.37
CA VAL A 45 30.19 -6.33 52.79
C VAL A 45 31.46 -5.65 53.31
N ALA A 46 31.78 -5.87 54.58
CA ALA A 46 32.92 -5.21 55.20
C ALA A 46 34.24 -5.87 54.80
N GLY A 47 34.25 -7.21 54.65
CA GLY A 47 35.41 -7.84 54.05
C GLY A 47 35.74 -7.27 52.70
N TYR A 48 34.73 -6.81 51.95
CA TYR A 48 34.96 -6.25 50.63
C TYR A 48 35.61 -4.87 50.71
N GLU A 49 35.21 -4.05 51.70
CA GLU A 49 35.84 -2.74 51.90
C GLU A 49 37.35 -2.90 52.13
N LYS A 50 37.75 -3.94 52.85
CA LYS A 50 39.15 -4.18 53.18
C LYS A 50 39.85 -4.99 52.09
N SER A 51 39.11 -5.40 51.05
CA SER A 51 39.65 -6.18 49.94
C SER A 51 40.69 -5.41 49.13
N ASP A 52 40.91 -5.81 47.89
CA ASP A 52 41.90 -5.12 47.09
C ASP A 52 41.27 -4.42 45.89
N THR A 53 42.05 -4.29 44.83
CA THR A 53 41.64 -3.81 43.52
C THR A 53 42.72 -4.23 42.54
N PRO A 54 42.52 -5.33 41.83
CA PRO A 54 43.59 -5.87 40.99
C PRO A 54 43.98 -4.97 39.82
N THR A 55 44.99 -5.39 39.08
CA THR A 55 45.50 -4.66 37.94
C THR A 55 45.07 -5.35 36.65
N ILE A 56 44.90 -4.54 35.61
CA ILE A 56 44.41 -4.97 34.31
C ILE A 56 45.32 -4.40 33.24
N THR A 57 45.85 -5.26 32.40
CA THR A 57 46.52 -4.86 31.17
C THR A 57 45.57 -4.95 29.97
N CYS A 58 45.73 -4.05 29.03
CA CYS A 58 44.91 -4.01 27.83
C CYS A 58 45.72 -4.51 26.64
N GLY A 59 45.26 -5.58 26.00
CA GLY A 59 45.96 -6.18 24.88
C GLY A 59 45.30 -5.81 23.57
N ILE A 60 46.14 -5.58 22.55
CA ILE A 60 45.72 -5.21 21.20
C ILE A 60 46.65 -5.90 20.23
N ILE A 61 46.11 -6.67 19.29
CA ILE A 61 46.92 -7.13 18.16
C ILE A 61 46.54 -6.25 16.97
N VAL A 62 47.50 -6.01 16.06
CA VAL A 62 47.27 -5.08 14.95
C VAL A 62 47.97 -5.56 13.69
N TYR A 63 47.39 -5.19 12.55
CA TYR A 63 48.03 -5.12 11.25
C TYR A 63 47.83 -3.69 10.75
N ASN A 64 47.89 -3.47 9.44
CA ASN A 64 47.72 -2.13 8.88
C ASN A 64 46.51 -1.40 9.46
N GLU A 65 46.72 -0.71 10.59
CA GLU A 65 45.60 -0.03 11.24
C GLU A 65 45.87 1.45 11.39
N SER A 66 46.26 2.11 10.30
CA SER A 66 46.64 3.51 10.38
C SER A 66 45.46 4.42 10.68
N LYS A 67 44.29 4.06 10.15
CA LYS A 67 43.16 4.98 10.19
C LYS A 67 42.41 4.92 11.52
N ARG A 68 42.42 3.78 12.21
CA ARG A 68 41.66 3.65 13.44
C ARG A 68 42.51 3.52 14.70
N ILE A 69 43.81 3.26 14.58
CA ILE A 69 44.62 2.98 15.77
C ILE A 69 44.69 4.18 16.71
N LYS A 70 44.62 5.40 16.16
CA LYS A 70 44.70 6.57 17.01
C LYS A 70 43.46 6.72 17.86
N LYS A 71 42.28 6.61 17.24
CA LYS A 71 41.02 6.74 17.99
C LYS A 71 40.89 5.64 19.02
N CYS A 72 41.24 4.41 18.64
CA CYS A 72 41.29 3.27 19.55
C CYS A 72 42.11 3.56 20.79
N LEU A 73 43.41 3.77 20.62
CA LEU A 73 44.28 3.92 21.77
C LEU A 73 43.89 5.11 22.64
N ASN A 74 43.19 6.10 22.08
CA ASN A 74 42.71 7.18 22.92
C ASN A 74 41.75 6.65 23.96
N SER A 75 40.75 5.91 23.52
CA SER A 75 39.74 5.38 24.44
C SER A 75 40.34 4.58 25.57
N VAL A 76 41.54 4.04 25.40
CA VAL A 76 42.06 3.04 26.33
C VAL A 76 43.17 3.57 27.23
N LYS A 77 43.92 4.60 26.82
CA LYS A 77 45.18 4.93 27.48
C LYS A 77 44.97 5.40 28.92
N ASP A 78 43.91 6.15 29.18
CA ASP A 78 43.68 6.72 30.51
C ASP A 78 42.99 5.76 31.44
N ASP A 79 42.93 4.46 31.11
CA ASP A 79 42.01 3.57 31.80
C ASP A 79 42.59 2.24 32.25
N PHE A 80 43.82 1.90 31.90
CA PHE A 80 44.33 0.56 32.22
C PHE A 80 45.57 0.53 33.10
N ASN A 81 46.57 1.35 32.79
CA ASN A 81 47.88 1.24 33.43
C ASN A 81 48.51 -0.08 32.97
N GLU A 82 49.50 0.03 32.08
CA GLU A 82 50.05 -1.00 31.19
C GLU A 82 49.07 -1.36 30.06
N ILE A 83 49.48 -1.18 28.79
CA ILE A 83 48.77 -1.75 27.65
C ILE A 83 49.79 -2.19 26.60
N ILE A 84 49.78 -3.46 26.24
CA ILE A 84 50.71 -4.01 25.26
C ILE A 84 50.03 -3.95 23.90
N VAL A 85 50.83 -3.83 22.82
CA VAL A 85 50.30 -3.67 21.47
C VAL A 85 51.14 -4.50 20.53
N LEU A 86 50.64 -5.64 20.08
CA LEU A 86 51.45 -6.58 19.29
C LEU A 86 51.22 -6.34 17.80
N ASP A 87 52.21 -5.72 17.16
CA ASP A 87 52.25 -5.54 15.72
C ASP A 87 52.74 -6.80 15.02
N SER A 88 52.26 -7.03 13.80
CA SER A 88 52.55 -8.22 13.03
C SER A 88 53.38 -7.92 11.78
N TYR A 89 54.15 -6.83 11.86
CA TYR A 89 54.97 -6.22 10.80
C TYR A 89 54.12 -5.45 9.80
N SER A 90 53.38 -4.47 10.30
CA SER A 90 52.45 -3.73 9.46
C SER A 90 53.20 -2.79 8.52
N THR A 91 52.92 -2.93 7.22
CA THR A 91 53.67 -2.28 6.16
C THR A 91 53.44 -0.78 6.11
N ASP A 92 52.30 -0.30 6.61
CA ASP A 92 52.03 1.13 6.70
C ASP A 92 52.55 1.67 8.03
N ASP A 93 52.24 2.93 8.35
CA ASP A 93 52.86 3.57 9.52
C ASP A 93 52.43 2.88 10.81
N THR A 94 51.22 3.20 11.29
CA THR A 94 50.65 2.50 12.44
C THR A 94 51.57 2.58 13.65
N VAL A 95 52.68 1.84 13.59
CA VAL A 95 53.59 1.66 14.71
C VAL A 95 54.02 3.00 15.28
N ASP A 96 54.15 3.99 14.42
CA ASP A 96 54.64 5.31 14.81
C ASP A 96 53.54 6.31 15.14
N ILE A 97 52.30 6.09 14.69
CA ILE A 97 51.18 6.81 15.31
C ILE A 97 51.14 6.51 16.80
N ILE A 98 51.56 5.28 17.16
CA ILE A 98 51.59 4.83 18.55
C ILE A 98 52.77 5.48 19.28
N LYS A 99 53.93 5.55 18.61
CA LYS A 99 55.10 6.25 19.15
C LYS A 99 54.73 7.68 19.58
N CYS A 100 54.32 8.52 18.62
CA CYS A 100 53.97 9.92 18.86
C CYS A 100 53.15 10.14 20.11
N ASP A 101 51.83 10.02 19.97
CA ASP A 101 50.95 10.47 21.03
C ASP A 101 50.88 9.52 22.21
N PHE A 102 51.33 8.27 22.03
CA PHE A 102 51.10 7.22 23.01
C PHE A 102 52.46 6.63 23.37
N PRO A 103 53.30 7.42 24.04
CA PRO A 103 54.68 6.97 24.30
C PRO A 103 54.75 5.87 25.32
N ASP A 104 53.76 5.79 26.22
CA ASP A 104 53.76 4.90 27.37
C ASP A 104 52.98 3.62 27.09
N VAL A 105 52.88 3.20 25.83
CA VAL A 105 52.10 2.03 25.47
C VAL A 105 53.02 1.12 24.65
N GLU A 106 53.43 0.01 25.25
CA GLU A 106 54.71 -0.62 24.92
C GLU A 106 54.58 -1.58 23.74
N ILE A 107 54.75 -1.01 22.55
CA ILE A 107 54.76 -1.69 21.26
C ILE A 107 55.71 -2.89 21.24
N LYS A 108 55.18 -4.12 21.35
CA LYS A 108 55.95 -5.34 21.11
C LYS A 108 55.71 -5.83 19.68
N TYR A 109 56.53 -6.76 19.23
CA TYR A 109 56.43 -7.27 17.86
C TYR A 109 56.22 -8.78 17.87
N GLU A 110 55.90 -9.32 16.68
CA GLU A 110 55.76 -10.77 16.48
C GLU A 110 55.38 -11.06 15.03
N LYS A 111 56.05 -12.02 14.42
CA LYS A 111 55.73 -12.40 13.06
C LYS A 111 54.35 -13.05 13.03
N TRP A 112 53.57 -12.75 12.00
CA TRP A 112 52.21 -13.26 11.90
C TRP A 112 52.20 -14.69 11.39
N LYS A 113 51.91 -15.64 12.28
CA LYS A 113 51.44 -16.97 11.91
C LYS A 113 49.93 -16.91 11.79
N ASN A 114 49.37 -17.55 10.76
CA ASN A 114 47.90 -17.55 10.69
C ASN A 114 47.24 -18.25 11.87
N ASP A 115 47.17 -17.56 13.02
CA ASP A 115 46.64 -18.13 14.26
C ASP A 115 46.35 -16.96 15.18
N PHE A 116 45.09 -16.56 15.25
CA PHE A 116 44.69 -15.46 16.11
C PHE A 116 44.86 -15.80 17.58
N SER A 117 44.65 -17.05 17.97
CA SER A 117 44.88 -17.45 19.36
C SER A 117 46.34 -17.30 19.76
N TYR A 118 47.24 -17.59 18.82
CA TYR A 118 48.66 -17.50 19.14
C TYR A 118 49.09 -16.06 19.35
N ALA A 119 48.59 -15.13 18.53
CA ALA A 119 48.91 -13.73 18.77
C ALA A 119 48.42 -13.31 20.15
N ARG A 120 47.32 -13.90 20.60
CA ARG A 120 46.73 -13.59 21.89
C ARG A 120 47.56 -14.19 23.02
N ASN A 121 48.12 -15.38 22.81
CA ASN A 121 49.20 -15.90 23.65
C ASN A 121 50.28 -14.87 23.91
N LYS A 122 50.97 -14.46 22.84
CA LYS A 122 52.17 -13.66 23.02
C LYS A 122 51.87 -12.36 23.77
N ILE A 123 50.63 -11.89 23.78
CA ILE A 123 50.33 -10.78 24.69
C ILE A 123 50.02 -11.27 26.10
N ILE A 124 49.54 -12.51 26.27
CA ILE A 124 49.35 -13.03 27.63
C ILE A 124 50.69 -13.21 28.31
N GLU A 125 51.71 -13.63 27.54
CA GLU A 125 53.06 -13.76 28.07
C GLU A 125 53.61 -12.43 28.56
N TYR A 126 53.77 -11.46 27.64
CA TYR A 126 54.35 -10.17 28.03
C TYR A 126 53.56 -9.45 29.13
N ALA A 127 52.28 -9.77 29.29
CA ALA A 127 51.46 -9.02 30.23
C ALA A 127 51.92 -9.26 31.67
N THR A 128 51.81 -8.20 32.49
CA THR A 128 52.28 -8.27 33.86
C THR A 128 51.19 -8.10 34.89
N SER A 129 50.03 -7.57 34.52
CA SER A 129 48.97 -7.32 35.49
C SER A 129 48.35 -8.65 35.94
N GLU A 130 47.29 -8.56 36.73
CA GLU A 130 46.59 -9.75 37.21
C GLU A 130 45.49 -10.23 36.26
N TRP A 131 44.66 -9.32 35.75
CA TRP A 131 43.69 -9.62 34.72
C TRP A 131 44.16 -9.06 33.38
N ILE A 132 43.62 -9.60 32.28
CA ILE A 132 43.85 -9.01 30.97
C ILE A 132 42.49 -8.64 30.38
N TYR A 133 42.53 -7.68 29.47
CA TYR A 133 41.39 -7.23 28.67
C TYR A 133 41.84 -7.04 27.24
N PHE A 134 41.06 -7.55 26.30
CA PHE A 134 41.40 -7.41 24.89
C PHE A 134 40.43 -6.47 24.17
N ILE A 135 40.96 -5.81 23.15
CA ILE A 135 40.20 -4.88 22.35
C ILE A 135 40.80 -4.88 20.95
N ASP A 136 40.00 -4.45 19.98
CA ASP A 136 40.39 -4.52 18.59
C ASP A 136 40.50 -3.12 18.03
N ALA A 137 41.25 -2.96 16.94
CA ALA A 137 41.53 -1.62 16.42
C ALA A 137 40.25 -0.88 16.01
N ASP A 138 39.23 -1.59 15.53
CA ASP A 138 38.00 -0.95 15.09
C ASP A 138 36.96 -0.80 16.20
N ASN A 139 37.38 -0.82 17.47
CA ASN A 139 36.47 -0.60 18.58
C ASN A 139 36.89 0.63 19.39
N LEU A 140 35.93 1.22 20.11
CA LEU A 140 36.20 2.35 20.99
C LEU A 140 35.69 2.01 22.37
N TYR A 141 36.59 1.98 23.34
CA TYR A 141 36.23 1.75 24.73
C TYR A 141 35.33 2.87 25.24
N SER A 142 34.08 2.54 25.56
CA SER A 142 33.10 3.57 25.88
C SER A 142 33.58 4.51 26.98
N LYS A 143 33.21 5.77 26.79
CA LYS A 143 33.59 6.86 27.67
C LYS A 143 33.13 6.56 29.10
N GLU A 144 31.91 6.05 29.22
CA GLU A 144 31.23 5.83 30.49
C GLU A 144 31.63 4.53 31.16
N ASN A 145 32.65 3.86 30.65
CA ASN A 145 33.26 2.73 31.34
C ASN A 145 34.34 3.17 32.32
N LYS A 146 34.17 4.35 32.92
CA LYS A 146 35.24 4.96 33.69
C LYS A 146 35.45 4.20 35.00
N GLY A 147 36.65 3.62 35.15
CA GLY A 147 37.05 2.90 36.35
C GLY A 147 36.14 1.76 36.81
N LYS A 148 35.10 1.46 36.02
CA LYS A 148 34.24 0.32 36.23
C LYS A 148 34.96 -1.03 36.05
N ILE A 149 36.06 -1.07 35.28
CA ILE A 149 36.65 -2.34 34.89
C ILE A 149 37.07 -3.08 36.14
N ALA A 150 37.96 -2.44 36.92
CA ALA A 150 38.58 -3.09 38.07
C ALA A 150 37.58 -3.39 39.16
N LYS A 151 36.48 -2.65 39.21
CA LYS A 151 35.39 -3.07 40.10
C LYS A 151 34.86 -4.44 39.69
N VAL A 152 34.78 -4.70 38.39
CA VAL A 152 34.48 -6.05 37.94
C VAL A 152 35.56 -7.01 38.41
N ALA A 153 36.83 -6.65 38.20
CA ALA A 153 37.91 -7.53 38.61
C ALA A 153 37.93 -7.73 40.12
N ARG A 154 37.54 -6.70 40.88
CA ARG A 154 37.47 -6.82 42.32
C ARG A 154 36.44 -7.87 42.69
N VAL A 155 35.16 -7.60 42.43
CA VAL A 155 34.09 -8.53 42.79
C VAL A 155 34.39 -9.96 42.33
N LEU A 156 35.04 -10.09 41.19
CA LEU A 156 35.33 -11.45 40.73
C LEU A 156 36.50 -12.07 41.48
N GLU A 157 37.44 -11.26 41.97
CA GLU A 157 38.53 -11.80 42.77
C GLU A 157 38.10 -12.03 44.21
N PHE A 158 37.17 -11.20 44.70
CA PHE A 158 36.67 -11.30 46.06
C PHE A 158 35.98 -12.63 46.30
N PHE A 159 34.97 -12.95 45.50
CA PHE A 159 34.37 -14.28 45.51
C PHE A 159 35.23 -15.32 44.78
N SER A 160 36.42 -14.92 44.31
CA SER A 160 37.37 -15.80 43.62
C SER A 160 36.66 -16.71 42.61
N ILE A 161 35.82 -16.08 41.81
CA ILE A 161 35.05 -16.72 40.76
C ILE A 161 35.94 -16.98 39.56
N ASP A 162 35.84 -18.19 38.98
CA ASP A 162 36.50 -18.51 37.72
C ASP A 162 35.51 -18.30 36.59
N CYS A 163 35.95 -17.60 35.56
CA CYS A 163 35.07 -17.17 34.50
C CYS A 163 35.87 -16.34 33.51
N VAL A 164 35.28 -16.14 32.35
CA VAL A 164 35.68 -15.11 31.42
C VAL A 164 34.66 -13.99 31.51
N VAL A 165 35.06 -12.82 31.05
CA VAL A 165 34.24 -11.62 31.18
C VAL A 165 33.97 -11.07 29.79
N SER A 166 32.70 -10.73 29.57
CA SER A 166 32.16 -10.26 28.31
C SER A 166 31.69 -8.83 28.50
N PRO A 167 32.27 -7.85 27.82
CA PRO A 167 31.59 -6.57 27.66
C PRO A 167 30.60 -6.67 26.50
N TYR A 168 29.71 -5.68 26.43
CA TYR A 168 28.86 -5.55 25.26
C TYR A 168 29.62 -4.83 24.15
N ILE A 169 29.64 -5.43 22.96
CA ILE A 169 30.34 -4.90 21.80
C ILE A 169 29.28 -4.56 20.77
N GLU A 170 29.29 -3.31 20.29
CA GLU A 170 28.27 -2.78 19.39
C GLU A 170 28.69 -2.88 17.92
N GLU A 171 27.91 -3.64 17.14
CA GLU A 171 27.99 -3.61 15.68
C GLU A 171 27.94 -2.22 15.09
N TYR A 172 28.48 -2.09 13.88
CA TYR A 172 28.11 -0.93 13.07
C TYR A 172 26.60 -0.87 12.87
N THR A 173 25.91 -2.01 12.96
CA THR A 173 24.46 -2.08 12.85
C THR A 173 23.73 -1.76 14.16
N GLY A 174 24.44 -1.36 15.21
CA GLY A 174 23.80 -1.08 16.48
C GLY A 174 23.53 -2.29 17.35
N HIS A 175 23.72 -3.49 16.80
CA HIS A 175 23.46 -4.73 17.50
C HIS A 175 24.50 -4.95 18.57
N LEU A 176 24.07 -5.39 19.77
CA LEU A 176 24.93 -5.59 20.94
C LEU A 176 25.26 -7.06 21.15
N TYR A 177 26.54 -7.41 20.99
CA TYR A 177 27.01 -8.77 21.28
C TYR A 177 27.32 -8.87 22.77
N SER A 178 26.98 -10.00 23.41
CA SER A 178 27.42 -10.19 24.80
C SER A 178 28.07 -11.55 25.05
N ASP A 179 28.31 -12.34 24.02
CA ASP A 179 29.23 -13.47 24.16
C ASP A 179 30.54 -13.08 23.48
N THR A 180 31.23 -12.19 24.15
CA THR A 180 32.44 -11.57 23.65
C THR A 180 33.71 -12.13 24.28
N ARG A 181 33.69 -12.45 25.58
CA ARG A 181 34.82 -13.12 26.24
C ARG A 181 36.16 -12.39 26.05
N ARG A 182 36.35 -11.28 26.79
CA ARG A 182 37.46 -10.38 26.50
C ARG A 182 38.38 -10.17 27.68
N MET A 183 37.94 -10.50 28.88
CA MET A 183 38.66 -10.26 30.12
C MET A 183 38.76 -11.57 30.89
N PHE A 184 39.94 -11.87 31.41
CA PHE A 184 40.08 -13.02 32.31
C PHE A 184 41.27 -12.86 33.26
N ARG A 185 41.28 -13.70 34.30
CA ARG A 185 42.37 -13.74 35.26
C ARG A 185 43.62 -14.32 34.63
N LEU A 186 44.74 -13.62 34.79
CA LEU A 186 46.02 -14.07 34.26
C LEU A 186 46.72 -14.98 35.30
N ASN A 187 46.07 -16.09 35.64
CA ASN A 187 46.62 -17.02 36.62
C ASN A 187 46.92 -18.37 35.99
N GLY A 188 47.39 -18.37 34.74
CA GLY A 188 47.71 -19.61 34.06
C GLY A 188 46.55 -20.57 33.92
N LYS A 189 45.32 -20.12 34.14
CA LYS A 189 44.17 -21.00 34.05
C LYS A 189 43.45 -20.92 32.71
N VAL A 190 43.57 -19.79 31.98
CA VAL A 190 42.72 -19.49 30.81
C VAL A 190 43.59 -19.06 29.63
N LYS A 191 43.19 -19.47 28.43
CA LYS A 191 44.00 -19.26 27.23
C LYS A 191 43.16 -19.44 25.98
N PHE A 192 43.53 -18.71 24.93
CA PHE A 192 42.83 -18.79 23.66
C PHE A 192 43.14 -20.09 22.94
N HIS A 193 42.12 -20.67 22.28
CA HIS A 193 42.28 -21.79 21.36
C HIS A 193 41.68 -21.41 20.01
N GLY A 194 42.21 -21.99 18.95
CA GLY A 194 41.62 -21.89 17.62
C GLY A 194 42.25 -20.89 16.66
N LYS A 195 42.63 -21.34 15.45
CA LYS A 195 43.32 -20.46 14.52
C LYS A 195 42.52 -19.19 14.26
N VAL A 196 41.19 -19.33 14.07
CA VAL A 196 40.28 -18.21 13.84
C VAL A 196 39.04 -18.45 14.69
N HIS A 197 38.28 -17.38 14.94
CA HIS A 197 37.14 -17.42 15.86
C HIS A 197 37.59 -17.91 17.21
N GLU A 198 38.74 -17.41 17.63
CA GLU A 198 39.34 -17.80 18.89
C GLU A 198 38.45 -17.38 20.03
N GLU A 199 38.46 -18.19 21.09
CA GLU A 199 37.91 -17.77 22.36
C GLU A 199 38.76 -18.34 23.48
N PRO A 200 38.64 -17.80 24.70
CA PRO A 200 39.39 -18.34 25.85
C PRO A 200 38.72 -19.57 26.43
N MET A 201 39.57 -20.54 26.75
CA MET A 201 39.16 -21.86 27.18
C MET A 201 39.86 -22.18 28.49
N ASN A 202 39.29 -23.09 29.25
CA ASN A 202 40.06 -23.65 30.35
C ASN A 202 41.08 -24.63 29.76
N TYR A 203 41.99 -25.13 30.60
CA TYR A 203 43.10 -25.90 30.05
C TYR A 203 42.74 -27.35 29.72
N ASN A 204 41.62 -27.86 30.25
CA ASN A 204 41.04 -29.11 29.80
C ASN A 204 40.07 -28.93 28.63
N HIS A 205 40.25 -27.85 27.86
CA HIS A 205 39.40 -27.45 26.73
C HIS A 205 37.92 -27.31 27.11
N SER A 206 37.62 -27.21 28.40
CA SER A 206 36.25 -26.96 28.87
C SER A 206 35.87 -25.51 28.55
N LEU A 207 34.72 -25.07 29.03
CA LEU A 207 34.18 -23.79 28.58
C LEU A 207 33.98 -22.86 29.75
N PRO A 208 34.88 -21.91 29.99
CA PRO A 208 34.74 -21.03 31.17
C PRO A 208 33.40 -20.33 31.19
N PHE A 209 32.86 -20.15 32.40
CA PHE A 209 31.56 -19.51 32.55
C PHE A 209 31.71 -18.04 32.16
N ASN A 210 30.63 -17.46 31.65
CA ASN A 210 30.69 -16.13 31.07
C ASN A 210 29.82 -15.17 31.88
N PHE A 211 30.39 -14.46 32.85
CA PHE A 211 29.83 -13.17 33.26
C PHE A 211 29.76 -12.13 32.18
N ILE A 212 28.52 -11.74 31.90
CA ILE A 212 28.23 -10.54 31.13
C ILE A 212 28.27 -9.36 32.09
N VAL A 213 29.17 -8.42 31.82
CA VAL A 213 29.35 -7.24 32.68
C VAL A 213 28.75 -6.01 32.00
N ASN A 214 28.71 -4.91 32.72
CA ASN A 214 28.06 -3.70 32.21
C ASN A 214 29.09 -2.69 31.72
N LEU A 215 29.85 -3.11 30.71
CA LEU A 215 30.79 -2.25 29.98
C LEU A 215 30.37 -2.20 28.52
N LYS A 216 30.31 -0.99 27.96
CA LYS A 216 29.99 -0.77 26.56
C LYS A 216 31.28 -0.58 25.77
N VAL A 217 31.34 -1.15 24.57
CA VAL A 217 32.45 -0.90 23.65
C VAL A 217 31.93 -0.88 22.21
N TYR A 218 32.28 0.17 21.46
CA TYR A 218 31.62 0.60 20.23
C TYR A 218 32.44 0.27 18.98
N HIS A 219 32.10 0.91 17.86
CA HIS A 219 32.69 0.58 16.56
C HIS A 219 33.21 1.85 15.86
N ASN A 220 33.72 1.64 14.64
CA ASN A 220 34.20 2.67 13.69
C ASN A 220 33.66 2.46 12.27
N SER A 225 32.53 1.39 9.06
CA SER A 225 33.23 0.58 8.07
C SER A 225 32.51 0.65 6.74
N GLU A 226 33.20 0.23 5.67
CA GLU A 226 32.67 0.38 4.31
C GLU A 226 32.83 -0.89 3.48
N ASN A 227 34.07 -1.28 3.12
CA ASN A 227 34.30 -2.49 2.32
C ASN A 227 35.62 -3.21 2.60
N ASN A 228 36.27 -2.92 3.75
CA ASN A 228 37.27 -3.81 4.34
C ASN A 228 36.65 -5.15 4.74
N ILE A 229 35.32 -5.17 4.96
CA ILE A 229 34.57 -6.39 5.31
C ILE A 229 34.82 -7.53 4.34
N LYS A 230 34.81 -7.25 3.02
CA LYS A 230 35.00 -8.31 2.04
C LYS A 230 36.41 -8.90 2.12
N SER A 231 37.41 -8.07 2.45
CA SER A 231 38.78 -8.56 2.51
C SER A 231 39.07 -9.25 3.84
N LYS A 232 38.53 -8.72 4.95
CA LYS A 232 38.62 -9.44 6.22
C LYS A 232 38.02 -10.82 6.10
N THR A 233 36.83 -10.89 5.50
CA THR A 233 36.14 -12.17 5.38
C THR A 233 36.94 -13.14 4.55
N ARG A 234 37.56 -12.64 3.47
CA ARG A 234 38.23 -13.52 2.52
C ARG A 234 39.48 -14.13 3.18
N ARG A 235 40.07 -13.40 4.13
CA ARG A 235 41.13 -13.92 4.99
C ARG A 235 40.61 -14.91 6.03
N ASN A 236 39.57 -14.51 6.77
CA ASN A 236 39.07 -15.37 7.83
C ASN A 236 38.53 -16.69 7.29
N ILE A 237 38.01 -16.69 6.05
CA ILE A 237 37.37 -17.90 5.55
C ILE A 237 38.40 -18.94 5.21
N ASN A 238 39.59 -18.49 4.87
CA ASN A 238 40.71 -19.39 4.61
C ASN A 238 41.02 -20.22 5.85
N LEU A 239 41.10 -19.56 7.01
CA LEU A 239 41.31 -20.25 8.29
C LEU A 239 40.10 -21.10 8.66
N THR A 240 38.89 -20.51 8.57
CA THR A 240 37.67 -21.21 8.97
C THR A 240 37.50 -22.51 8.19
N GLU A 241 37.82 -22.49 6.89
CA GLU A 241 37.65 -23.70 6.11
C GLU A 241 38.61 -24.78 6.59
N GLU A 242 39.82 -24.40 6.99
CA GLU A 242 40.77 -25.36 7.56
C GLU A 242 40.18 -26.04 8.77
N MET A 243 39.88 -25.24 9.80
CA MET A 243 39.25 -25.74 11.01
C MET A 243 38.03 -26.60 10.68
N LEU A 244 37.29 -26.25 9.62
CA LEU A 244 36.12 -27.04 9.29
C LEU A 244 36.53 -28.40 8.74
N ARG A 245 37.42 -28.40 7.76
CA ARG A 245 37.86 -29.66 7.16
C ARG A 245 38.33 -30.66 8.21
N LEU A 246 38.62 -30.18 9.43
CA LEU A 246 39.01 -31.04 10.54
C LEU A 246 37.82 -31.77 11.17
N GLU A 247 36.84 -31.03 11.68
CA GLU A 247 35.55 -31.61 12.03
C GLU A 247 34.53 -31.20 10.97
N PRO A 248 34.45 -31.88 9.83
CA PRO A 248 33.55 -31.41 8.76
C PRO A 248 32.07 -31.53 9.08
N GLU A 249 31.70 -32.16 10.20
CA GLU A 249 30.31 -32.25 10.65
C GLU A 249 30.04 -31.37 11.87
N ASN A 250 30.99 -30.54 12.25
CA ASN A 250 30.80 -29.68 13.39
C ASN A 250 29.85 -28.54 13.04
N PRO A 251 28.68 -28.46 13.66
CA PRO A 251 27.75 -27.36 13.33
C PRO A 251 28.30 -25.99 13.60
N LYS A 252 29.09 -25.80 14.65
CA LYS A 252 29.67 -24.48 14.85
C LYS A 252 30.48 -24.08 13.63
N TRP A 253 31.29 -24.98 13.11
CA TRP A 253 32.10 -24.62 11.94
C TRP A 253 31.26 -24.63 10.68
N LEU A 254 30.31 -25.56 10.57
CA LEU A 254 29.41 -25.48 9.43
C LEU A 254 28.71 -24.13 9.40
N PHE A 255 28.37 -23.59 10.57
CA PHE A 255 27.76 -22.27 10.61
C PHE A 255 28.76 -21.19 10.22
N PHE A 256 29.92 -21.15 10.90
CA PHE A 256 30.89 -20.10 10.64
C PHE A 256 31.28 -20.00 9.17
N PHE A 257 31.47 -21.15 8.52
CA PHE A 257 31.85 -21.16 7.12
C PHE A 257 30.69 -20.72 6.25
N GLY A 258 29.47 -21.16 6.57
CA GLY A 258 28.30 -20.65 5.87
C GLY A 258 28.11 -19.15 6.05
N ARG A 259 28.42 -18.63 7.25
CA ARG A 259 28.22 -17.19 7.47
C ARG A 259 29.12 -16.37 6.58
N GLU A 260 30.37 -16.80 6.46
CA GLU A 260 31.39 -16.07 5.72
C GLU A 260 31.17 -16.22 4.22
N LEU A 261 30.72 -17.41 3.79
CA LEU A 261 30.27 -17.57 2.43
C LEU A 261 29.22 -16.56 2.07
N HIS A 262 28.30 -16.31 3.00
CA HIS A 262 27.27 -15.31 2.81
C HIS A 262 27.88 -13.92 2.65
N LEU A 263 28.81 -13.56 3.53
CA LEU A 263 29.42 -12.24 3.49
C LEU A 263 30.21 -12.00 2.20
N LEU A 264 30.44 -13.05 1.40
CA LEU A 264 31.17 -13.00 0.14
C LEU A 264 30.22 -13.16 -1.05
N ASP A 265 28.92 -12.97 -0.82
CA ASP A 265 27.83 -13.04 -1.80
C ASP A 265 27.65 -14.42 -2.40
N LYS A 266 28.17 -15.44 -1.73
CA LYS A 266 27.98 -16.82 -2.18
C LYS A 266 26.79 -17.44 -1.43
N ASP A 267 25.64 -16.77 -1.56
CA ASP A 267 24.45 -17.09 -0.77
C ASP A 267 23.95 -18.49 -1.08
N GLU A 268 23.95 -18.88 -2.35
CA GLU A 268 23.32 -20.15 -2.69
C GLU A 268 24.04 -21.27 -1.96
N GLU A 269 25.35 -21.11 -1.78
CA GLU A 269 26.20 -22.08 -1.10
C GLU A 269 26.20 -21.88 0.40
N ALA A 270 26.12 -20.61 0.85
CA ALA A 270 25.99 -20.33 2.27
C ALA A 270 24.78 -21.05 2.86
N ILE A 271 23.66 -21.10 2.14
CA ILE A 271 22.49 -21.80 2.63
C ILE A 271 22.75 -23.28 2.82
N ASP A 272 23.52 -23.89 1.91
CA ASP A 272 23.77 -25.33 2.04
C ASP A 272 24.52 -25.60 3.32
N TYR A 273 25.43 -24.72 3.71
CA TYR A 273 26.12 -24.98 4.97
C TYR A 273 25.26 -24.65 6.16
N LEU A 274 24.46 -23.61 6.08
CA LEU A 274 23.59 -23.30 7.21
C LEU A 274 22.62 -24.44 7.44
N LYS A 275 22.18 -25.08 6.35
CA LYS A 275 21.19 -26.15 6.47
C LYS A 275 21.81 -27.33 7.18
N LYS A 276 23.04 -27.71 6.79
CA LYS A 276 23.78 -28.80 7.45
C LYS A 276 24.09 -28.46 8.91
N SER A 277 24.57 -27.25 9.17
CA SER A 277 24.77 -26.81 10.55
C SER A 277 23.49 -26.96 11.36
N ILE A 278 22.36 -26.47 10.85
CA ILE A 278 21.12 -26.58 11.59
C ILE A 278 20.74 -28.03 11.80
N ASN A 279 21.06 -28.89 10.84
CA ASN A 279 20.76 -30.31 10.98
C ASN A 279 21.58 -30.95 12.08
N ASN A 280 22.82 -30.53 12.23
CA ASN A 280 23.74 -31.12 13.18
C ASN A 280 23.62 -30.55 14.60
N TYR A 281 23.41 -29.25 14.79
CA TYR A 281 23.06 -28.84 16.15
C TYR A 281 22.00 -29.53 16.94
N LYS A 282 21.04 -30.22 16.29
CA LYS A 282 20.02 -30.93 17.05
C LYS A 282 20.63 -31.57 18.29
N LYS A 283 21.60 -32.46 18.08
CA LYS A 283 22.14 -33.27 19.16
C LYS A 283 23.23 -32.51 19.93
N PHE A 284 24.39 -32.31 19.29
CA PHE A 284 25.56 -31.51 19.68
C PHE A 284 25.45 -30.66 20.94
N ASN A 285 26.58 -30.54 21.62
CA ASN A 285 26.61 -30.08 23.00
C ASN A 285 26.57 -28.55 23.08
N ASP A 286 27.55 -27.89 22.47
CA ASP A 286 27.68 -26.44 22.53
C ASP A 286 26.74 -25.82 21.50
N GLN A 287 25.56 -25.40 21.94
CA GLN A 287 24.56 -24.90 21.02
C GLN A 287 24.55 -23.39 20.98
N ARG A 288 25.68 -22.74 21.33
CA ARG A 288 25.70 -21.28 21.46
C ARG A 288 25.22 -20.61 20.17
N HIS A 289 25.78 -21.00 19.03
CA HIS A 289 25.40 -20.41 17.76
C HIS A 289 24.31 -21.17 17.04
N PHE A 290 23.56 -22.03 17.73
CA PHE A 290 22.43 -22.65 17.07
C PHE A 290 21.45 -21.59 16.64
N ILE A 291 21.18 -20.60 17.49
CA ILE A 291 20.16 -19.62 17.15
C ILE A 291 20.62 -18.76 15.99
N ASP A 292 21.91 -18.42 15.96
CA ASP A 292 22.43 -17.58 14.90
C ASP A 292 22.38 -18.29 13.56
N ALA A 293 22.55 -19.61 13.57
CA ALA A 293 22.42 -20.35 12.33
C ALA A 293 21.00 -20.22 11.81
N LEU A 294 20.00 -20.39 12.68
CA LEU A 294 18.63 -20.42 12.19
C LEU A 294 18.23 -19.06 11.65
N VAL A 295 18.50 -17.99 12.41
CA VAL A 295 17.99 -16.70 11.99
C VAL A 295 18.69 -16.24 10.72
N LEU A 296 19.94 -16.65 10.51
CA LEU A 296 20.59 -16.25 9.28
C LEU A 296 20.05 -17.05 8.11
N LEU A 297 19.79 -18.35 8.30
CA LEU A 297 19.14 -19.12 7.24
C LEU A 297 17.77 -18.56 6.95
N CYS A 298 17.03 -18.19 7.98
CA CYS A 298 15.70 -17.62 7.75
C CYS A 298 15.80 -16.33 6.95
N THR A 299 16.64 -15.38 7.38
CA THR A 299 16.69 -14.13 6.64
C THR A 299 17.13 -14.33 5.19
N LEU A 300 17.96 -15.36 4.94
CA LEU A 300 18.36 -15.59 3.55
C LEU A 300 17.25 -16.26 2.76
N LEU A 301 16.57 -17.23 3.39
CA LEU A 301 15.38 -17.83 2.80
C LEU A 301 14.34 -16.77 2.48
N LEU A 302 14.20 -15.77 3.34
CA LEU A 302 13.28 -14.68 3.03
C LEU A 302 13.75 -13.92 1.79
N GLN A 303 15.01 -13.46 1.77
CA GLN A 303 15.56 -12.73 0.62
C GLN A 303 15.36 -13.45 -0.72
N ARG A 304 15.37 -14.76 -0.72
CA ARG A 304 15.26 -15.53 -1.94
C ARG A 304 13.81 -15.87 -2.28
N ASN A 305 12.87 -15.41 -1.45
CA ASN A 305 11.45 -15.60 -1.71
C ASN A 305 11.08 -17.07 -1.62
N ASN A 306 11.88 -17.80 -0.86
CA ASN A 306 11.60 -19.20 -0.58
C ASN A 306 10.79 -19.26 0.72
N TYR A 307 9.48 -19.02 0.60
CA TYR A 307 8.60 -18.99 1.76
C TYR A 307 8.25 -20.37 2.26
N VAL A 308 8.20 -21.36 1.38
CA VAL A 308 7.91 -22.70 1.84
C VAL A 308 8.98 -23.16 2.79
N ASP A 309 10.26 -23.01 2.41
CA ASP A 309 11.32 -23.49 3.29
C ASP A 309 11.56 -22.53 4.45
N LEU A 310 11.21 -21.26 4.30
CA LEU A 310 11.27 -20.36 5.44
C LEU A 310 10.36 -20.86 6.55
N THR A 311 9.11 -21.15 6.21
CA THR A 311 8.15 -21.63 7.20
C THR A 311 8.67 -22.83 7.98
N LEU A 312 9.34 -23.75 7.29
CA LEU A 312 9.81 -24.97 7.93
C LEU A 312 10.95 -24.72 8.90
N TYR A 313 11.89 -23.84 8.53
CA TYR A 313 12.95 -23.48 9.47
C TYR A 313 12.48 -22.54 10.55
N LEU A 314 11.43 -21.77 10.27
CA LEU A 314 10.80 -20.94 11.30
C LEU A 314 10.19 -21.79 12.42
N ASP A 315 9.59 -22.93 12.08
CA ASP A 315 9.06 -23.82 13.09
C ASP A 315 10.15 -24.29 14.04
N ILE A 316 11.29 -24.66 13.48
CA ILE A 316 12.41 -25.14 14.28
C ILE A 316 12.90 -24.02 15.18
N LEU A 317 13.06 -22.82 14.59
CA LEU A 317 13.39 -21.64 15.38
C LEU A 317 12.42 -21.47 16.53
N GLU A 318 11.13 -21.71 16.28
CA GLU A 318 10.15 -21.45 17.32
C GLU A 318 10.17 -22.51 18.42
N THR A 319 10.40 -23.79 18.08
CA THR A 319 10.34 -24.81 19.12
C THR A 319 11.54 -24.70 20.07
N GLU A 320 12.69 -24.26 19.54
CA GLU A 320 14.00 -24.26 20.21
C GLU A 320 14.25 -22.97 21.00
N TYR A 321 13.69 -21.84 20.54
CA TYR A 321 13.93 -20.53 21.15
C TYR A 321 12.63 -19.75 21.13
N PRO A 322 11.64 -20.20 21.90
CA PRO A 322 10.28 -19.66 21.74
C PRO A 322 10.16 -18.17 22.06
N ARG A 323 10.99 -17.67 22.94
CA ARG A 323 10.95 -16.30 23.37
C ARG A 323 11.84 -15.39 22.52
N CYS A 324 12.22 -15.81 21.31
CA CYS A 324 12.96 -14.95 20.40
C CYS A 324 11.99 -14.14 19.59
N VAL A 325 12.04 -12.82 19.74
CA VAL A 325 11.07 -12.00 19.03
C VAL A 325 11.25 -12.12 17.52
N ASP A 326 12.41 -12.58 17.05
CA ASP A 326 12.65 -12.73 15.62
C ASP A 326 11.74 -13.77 14.98
N VAL A 327 11.17 -14.69 15.77
CA VAL A 327 10.13 -15.55 15.23
C VAL A 327 9.02 -14.70 14.62
N ASP A 328 8.49 -13.75 15.41
CA ASP A 328 7.38 -12.92 15.00
C ASP A 328 7.74 -12.06 13.80
N TYR A 329 8.97 -11.54 13.76
CA TYR A 329 9.45 -10.84 12.58
C TYR A 329 9.22 -11.65 11.31
N PHE A 330 9.54 -12.96 11.34
CA PHE A 330 9.40 -13.76 10.14
C PHE A 330 7.96 -14.14 9.88
N ARG A 331 7.21 -14.51 10.92
CA ARG A 331 5.79 -14.75 10.72
C ARG A 331 5.12 -13.52 10.12
N SER A 332 5.47 -12.34 10.64
CA SER A 332 4.94 -11.08 10.10
C SER A 332 5.27 -10.92 8.62
N ALA A 333 6.54 -11.09 8.23
CA ALA A 333 6.90 -10.96 6.83
C ALA A 333 6.08 -11.89 5.96
N ILE A 334 5.84 -13.11 6.43
CA ILE A 334 5.03 -14.05 5.65
C ILE A 334 3.60 -13.55 5.52
N LEU A 335 2.95 -13.27 6.66
CA LEU A 335 1.58 -12.73 6.62
C LEU A 335 1.49 -11.59 5.64
N LEU A 336 2.44 -10.66 5.70
CA LEU A 336 2.45 -9.48 4.83
C LEU A 336 2.66 -9.84 3.37
N VAL A 337 3.50 -10.83 3.08
CA VAL A 337 3.60 -11.30 1.70
C VAL A 337 2.28 -11.90 1.24
N ASP A 338 1.59 -12.64 2.12
CA ASP A 338 0.31 -13.16 1.67
C ASP A 338 -0.68 -12.04 1.36
N MET A 339 -0.56 -10.90 2.04
CA MET A 339 -1.43 -9.76 1.75
C MET A 339 -1.21 -9.27 0.33
N GLN A 340 0.02 -8.89 0.02
CA GLN A 340 0.45 -8.50 -1.30
C GLN A 340 -0.17 -9.42 -2.36
N ASN A 341 -0.21 -10.72 -2.04
CA ASN A 341 -0.67 -11.71 -2.99
C ASN A 341 -2.17 -11.61 -3.18
N LYS A 342 -2.91 -11.51 -2.07
CA LYS A 342 -4.34 -11.27 -2.11
C LYS A 342 -4.67 -9.99 -2.89
N LEU A 343 -3.93 -8.91 -2.62
CA LEU A 343 -4.10 -7.65 -3.34
C LEU A 343 -3.91 -7.81 -4.86
N THR A 344 -2.76 -8.30 -5.30
CA THR A 344 -2.52 -8.49 -6.73
C THR A 344 -3.53 -9.43 -7.36
N SER A 345 -4.01 -10.43 -6.63
CA SER A 345 -5.01 -11.29 -7.22
C SER A 345 -6.34 -10.55 -7.36
N LEU A 346 -6.64 -9.62 -6.44
CA LEU A 346 -7.80 -8.76 -6.59
C LEU A 346 -7.62 -7.78 -7.74
N SER A 347 -6.46 -7.12 -7.82
CA SER A 347 -6.13 -6.29 -8.97
C SER A 347 -6.52 -6.99 -10.26
N ASN A 348 -6.23 -8.29 -10.34
CA ASN A 348 -6.47 -9.01 -11.57
C ASN A 348 -7.92 -9.46 -11.69
N MET A 349 -8.51 -9.93 -10.58
CA MET A 349 -9.93 -10.23 -10.56
C MET A 349 -10.76 -9.01 -10.95
N ILE A 350 -10.30 -7.81 -10.61
CA ILE A 350 -10.97 -6.58 -11.08
C ILE A 350 -10.74 -6.41 -12.58
N ASP A 351 -9.52 -6.70 -13.06
CA ASP A 351 -9.21 -6.50 -14.46
C ASP A 351 -10.05 -7.41 -15.35
N GLU A 352 -10.02 -8.72 -15.09
CA GLU A 352 -10.90 -9.67 -15.77
C GLU A 352 -12.31 -9.11 -15.87
N ALA A 353 -12.76 -8.45 -14.79
CA ALA A 353 -14.14 -8.02 -14.70
C ALA A 353 -14.43 -6.92 -15.72
N LEU A 354 -13.68 -5.82 -15.67
CA LEU A 354 -14.04 -4.69 -16.51
C LEU A 354 -13.55 -4.91 -17.94
N THR A 355 -13.77 -6.12 -18.45
CA THR A 355 -13.67 -6.47 -19.87
C THR A 355 -14.93 -7.18 -20.37
N ASP A 356 -15.52 -8.07 -19.56
CA ASP A 356 -16.70 -8.87 -19.88
C ASP A 356 -17.78 -8.06 -20.56
N GLU A 357 -18.79 -8.74 -21.09
CA GLU A 357 -19.87 -8.07 -21.79
C GLU A 357 -20.82 -7.38 -20.79
N ARG A 358 -20.24 -6.79 -19.75
CA ARG A 358 -20.98 -6.40 -18.55
C ARG A 358 -20.97 -4.90 -18.36
N TYR A 359 -22.15 -4.32 -18.20
CA TYR A 359 -22.35 -2.89 -18.19
C TYR A 359 -22.31 -2.34 -16.77
N SER A 360 -22.13 -1.04 -16.67
CA SER A 360 -22.27 -0.32 -15.43
C SER A 360 -23.51 0.59 -15.49
N ALA A 361 -24.25 0.63 -14.40
CA ALA A 361 -25.29 1.63 -14.29
C ALA A 361 -24.79 2.91 -13.62
N ILE A 362 -23.69 2.84 -12.87
CA ILE A 362 -23.12 4.01 -12.20
C ILE A 362 -22.44 4.92 -13.21
N ASN A 363 -21.61 4.33 -14.05
CA ASN A 363 -20.76 5.09 -14.94
C ASN A 363 -20.34 4.13 -16.04
N THR A 364 -20.91 4.32 -17.21
CA THR A 364 -20.46 3.60 -18.38
C THR A 364 -18.96 3.53 -18.58
N THR A 365 -18.22 4.58 -18.26
CA THR A 365 -16.78 4.54 -18.46
C THR A 365 -16.08 3.57 -17.53
N LYS A 366 -16.81 3.00 -16.58
CA LYS A 366 -16.24 2.18 -15.51
C LYS A 366 -15.11 2.93 -14.79
N ASP A 367 -15.08 4.26 -14.91
CA ASP A 367 -14.01 5.06 -14.30
C ASP A 367 -13.94 4.90 -12.81
N HIS A 368 -14.96 4.34 -12.17
CA HIS A 368 -14.91 4.12 -10.72
C HIS A 368 -14.16 2.85 -10.38
N PHE A 369 -14.26 1.83 -11.26
CA PHE A 369 -13.38 0.67 -11.20
C PHE A 369 -11.93 1.09 -11.34
N LYS A 370 -11.67 1.96 -12.31
CA LYS A 370 -10.29 2.34 -12.55
C LYS A 370 -9.71 3.03 -11.32
N ARG A 371 -10.54 3.74 -10.54
CA ARG A 371 -10.06 4.39 -9.31
C ARG A 371 -9.68 3.38 -8.25
N ILE A 372 -10.44 2.29 -8.12
CA ILE A 372 -10.09 1.25 -7.17
C ILE A 372 -8.77 0.59 -7.57
N LEU A 373 -8.55 0.42 -8.87
CA LEU A 373 -7.30 -0.16 -9.38
C LEU A 373 -6.13 0.74 -9.05
N ILE A 374 -6.27 2.03 -9.38
CA ILE A 374 -5.27 3.02 -9.05
C ILE A 374 -4.93 2.94 -7.58
N SER A 375 -5.94 2.74 -6.77
CA SER A 375 -5.68 2.73 -5.35
C SER A 375 -5.01 1.41 -4.90
N LEU A 376 -5.34 0.26 -5.51
CA LEU A 376 -4.55 -0.95 -5.25
C LEU A 376 -3.10 -0.75 -5.62
N ASN A 377 -2.84 -0.40 -6.87
CA ASN A 377 -1.48 -0.32 -7.32
C ASN A 377 -0.69 0.81 -6.65
N ILE A 378 -1.34 1.84 -6.10
CA ILE A 378 -0.60 2.75 -5.24
C ILE A 378 -0.20 2.02 -3.96
N GLN A 379 -1.07 1.17 -3.47
CA GLN A 379 -0.74 0.43 -2.26
C GLN A 379 0.30 -0.63 -2.55
N LEU A 380 0.21 -1.26 -3.70
CA LEU A 380 1.16 -2.24 -4.23
C LEU A 380 2.40 -1.59 -4.76
N GLU A 381 2.49 -0.26 -4.71
CA GLU A 381 3.63 0.51 -5.22
C GLU A 381 4.03 0.11 -6.65
N ASN A 382 3.04 -0.33 -7.43
CA ASN A 382 3.21 -0.75 -8.81
C ASN A 382 3.08 0.46 -9.74
N TRP A 383 3.86 1.53 -9.45
CA TRP A 383 3.66 2.85 -10.07
C TRP A 383 3.60 2.78 -11.58
N GLU A 384 4.20 1.74 -12.16
CA GLU A 384 4.06 1.42 -13.57
C GLU A 384 2.60 1.51 -13.97
N ARG A 385 1.77 0.64 -13.37
CA ARG A 385 0.40 0.47 -13.81
C ARG A 385 -0.50 1.61 -13.31
N VAL A 386 -0.14 2.24 -12.20
CA VAL A 386 -0.81 3.49 -11.80
C VAL A 386 -0.71 4.50 -12.93
N LYS A 387 0.32 4.40 -13.77
CA LYS A 387 0.51 5.37 -14.84
C LYS A 387 -0.41 5.04 -16.01
N GLU A 388 -0.35 3.78 -16.49
CA GLU A 388 -1.20 3.34 -17.60
C GLU A 388 -2.66 3.67 -17.33
N ILE A 389 -3.16 3.21 -16.19
CA ILE A 389 -4.58 3.27 -15.87
C ILE A 389 -5.07 4.71 -15.75
N SER A 390 -4.26 5.60 -15.16
CA SER A 390 -4.71 6.99 -15.00
C SER A 390 -4.69 7.78 -16.29
N GLY A 391 -4.27 7.18 -17.40
CA GLY A 391 -4.32 7.86 -18.68
C GLY A 391 -5.66 7.63 -19.34
N GLU A 392 -6.29 6.52 -18.98
CA GLU A 392 -7.53 6.07 -19.61
C GLU A 392 -8.78 6.49 -18.85
N ILE A 393 -8.70 7.46 -17.93
CA ILE A 393 -9.91 7.95 -17.28
C ILE A 393 -10.32 9.24 -17.98
N LYS A 394 -11.63 9.40 -18.19
CA LYS A 394 -12.14 10.48 -19.02
C LYS A 394 -12.84 11.56 -18.20
N ASN A 395 -13.17 11.29 -16.93
CA ASN A 395 -13.76 12.30 -16.05
C ASN A 395 -12.63 13.17 -15.50
N ASP A 396 -12.62 14.44 -15.94
CA ASP A 396 -11.56 15.36 -15.56
C ASP A 396 -11.49 15.59 -14.06
N ASN A 397 -12.60 15.42 -13.34
CA ASN A 397 -12.56 15.69 -11.91
C ASN A 397 -11.87 14.60 -11.12
N MET A 398 -11.96 13.35 -11.59
CA MET A 398 -11.19 12.28 -10.96
C MET A 398 -9.72 12.43 -11.26
N LYS A 399 -9.40 12.70 -12.53
CA LYS A 399 -8.02 12.95 -12.94
C LYS A 399 -7.41 14.12 -12.16
N LYS A 400 -8.26 15.09 -11.74
CA LYS A 400 -7.85 16.17 -10.83
C LYS A 400 -7.55 15.66 -9.43
N GLU A 401 -8.35 14.70 -8.94
CA GLU A 401 -8.20 14.22 -7.58
C GLU A 401 -7.06 13.22 -7.47
N ILE A 402 -6.86 12.38 -8.50
CA ILE A 402 -5.63 11.61 -8.58
C ILE A 402 -4.43 12.53 -8.51
N LYS A 403 -4.47 13.63 -9.26
CA LYS A 403 -3.42 14.65 -9.19
C LYS A 403 -3.23 15.16 -7.77
N GLN A 404 -4.34 15.40 -7.04
CA GLN A 404 -4.26 15.98 -5.70
C GLN A 404 -3.96 14.95 -4.62
N TYR A 405 -4.28 13.67 -4.87
CA TYR A 405 -3.94 12.61 -3.94
C TYR A 405 -2.45 12.28 -3.98
N LEU A 406 -1.92 12.05 -5.19
CA LEU A 406 -0.48 11.88 -5.39
C LEU A 406 0.30 13.00 -4.74
N ALA A 407 -0.19 14.23 -4.88
CA ALA A 407 0.47 15.37 -4.24
C ALA A 407 0.45 15.24 -2.73
N ASN A 408 -0.64 14.74 -2.17
CA ASN A 408 -0.72 14.53 -0.73
C ASN A 408 0.41 13.62 -0.25
N SER A 409 0.51 12.42 -0.82
CA SER A 409 1.52 11.47 -0.37
C SER A 409 2.91 11.89 -0.82
N LEU A 410 3.02 12.61 -1.94
CA LEU A 410 4.29 13.21 -2.33
C LEU A 410 4.79 14.17 -1.24
N HIS A 411 3.88 15.01 -0.73
CA HIS A 411 4.24 15.95 0.33
C HIS A 411 4.59 15.25 1.64
N ASN A 412 3.79 14.23 2.01
CA ASN A 412 4.00 13.56 3.31
C ASN A 412 5.25 12.72 3.30
N ILE A 413 5.63 12.14 2.15
CA ILE A 413 6.95 11.52 2.05
C ILE A 413 8.03 12.56 2.27
N GLU A 414 7.99 13.63 1.48
CA GLU A 414 9.00 14.67 1.59
C GLU A 414 8.99 15.35 2.97
N HIS A 415 7.93 15.12 3.75
CA HIS A 415 7.86 15.60 5.12
C HIS A 415 8.52 14.65 6.11
N VAL A 416 8.15 13.37 6.07
CA VAL A 416 8.81 12.39 6.94
C VAL A 416 10.30 12.27 6.58
N LEU A 417 10.63 12.40 5.29
CA LEU A 417 12.03 12.32 4.88
C LEU A 417 12.85 13.40 5.55
N LYS A 418 12.28 14.60 5.68
CA LYS A 418 12.93 15.71 6.37
C LYS A 418 13.32 15.31 7.79
N GLY A 419 12.34 15.20 8.67
CA GLY A 419 12.60 14.96 10.07
C GLY A 419 12.98 13.55 10.45
N ILE A 420 13.72 12.85 9.59
CA ILE A 420 14.37 11.61 10.02
C ILE A 420 15.38 11.91 11.12
N GLU A 421 16.36 12.75 10.80
CA GLU A 421 17.58 12.90 11.57
C GLU A 421 18.34 14.18 11.19
N MET B 1 -43.26 -12.20 -39.06
CA MET B 1 -41.87 -11.78 -38.80
C MET B 1 -41.60 -10.81 -37.65
N LYS B 2 -40.35 -10.85 -37.19
CA LYS B 2 -39.82 -9.92 -36.21
C LYS B 2 -38.77 -9.05 -36.90
N LEU B 3 -38.73 -7.76 -36.56
CA LEU B 3 -37.74 -6.87 -37.17
C LEU B 3 -36.33 -7.43 -37.05
N SER B 4 -36.07 -8.18 -35.98
CA SER B 4 -34.83 -8.91 -35.79
C SER B 4 -34.50 -9.78 -37.00
N ASP B 5 -35.47 -10.61 -37.43
CA ASP B 5 -35.33 -11.51 -38.58
C ASP B 5 -35.07 -10.74 -39.87
N ILE B 6 -35.79 -9.63 -40.05
CA ILE B 6 -35.67 -8.84 -41.26
C ILE B 6 -34.25 -8.32 -41.42
N TYR B 7 -33.65 -7.89 -40.31
CA TYR B 7 -32.29 -7.36 -40.36
C TYR B 7 -31.29 -8.44 -40.76
N LEU B 8 -31.41 -9.63 -40.16
CA LEU B 8 -30.57 -10.76 -40.54
C LEU B 8 -30.71 -11.05 -42.04
N GLU B 9 -31.92 -11.41 -42.48
CA GLU B 9 -32.18 -11.68 -43.88
C GLU B 9 -31.58 -10.63 -44.81
N LEU B 10 -31.59 -9.36 -44.40
CA LEU B 10 -30.90 -8.29 -45.11
C LEU B 10 -29.39 -8.31 -44.97
N LYS B 11 -28.80 -9.11 -44.07
CA LYS B 11 -27.36 -9.02 -43.86
C LYS B 11 -26.61 -9.70 -45.00
N LYS B 12 -26.68 -11.03 -45.08
CA LYS B 12 -26.11 -11.72 -46.25
C LYS B 12 -26.96 -11.51 -47.51
N GLY B 13 -28.26 -11.25 -47.34
CA GLY B 13 -29.12 -11.11 -48.50
C GLY B 13 -28.94 -9.81 -49.24
N TYR B 14 -28.85 -8.69 -48.51
CA TYR B 14 -29.00 -7.38 -49.15
C TYR B 14 -28.14 -6.32 -48.47
N ALA B 15 -26.96 -6.69 -47.94
CA ALA B 15 -26.08 -5.70 -47.32
C ALA B 15 -25.64 -4.63 -48.30
N ASP B 16 -25.77 -4.93 -49.60
CA ASP B 16 -25.61 -3.93 -50.65
C ASP B 16 -26.44 -2.67 -50.33
N SER B 17 -27.65 -2.87 -49.81
CA SER B 17 -28.78 -1.98 -49.98
C SER B 17 -28.67 -0.71 -49.15
N LEU B 18 -29.75 0.08 -49.22
CA LEU B 18 -29.98 1.29 -48.44
C LEU B 18 -30.91 1.06 -47.28
N LEU B 19 -32.01 0.34 -47.50
CA LEU B 19 -32.84 -0.10 -46.40
C LEU B 19 -31.99 -0.71 -45.30
N TYR B 20 -31.07 -1.60 -45.66
CA TYR B 20 -30.12 -2.13 -44.70
C TYR B 20 -29.33 -0.99 -44.06
N SER B 21 -28.54 -0.27 -44.87
CA SER B 21 -27.71 0.83 -44.41
C SER B 21 -28.43 1.73 -43.39
N ASP B 22 -29.69 2.07 -43.67
CA ASP B 22 -30.43 2.98 -42.80
C ASP B 22 -31.06 2.26 -41.61
N LEU B 23 -31.33 0.95 -41.69
CA LEU B 23 -31.83 0.15 -40.57
C LEU B 23 -30.76 -0.16 -39.54
N SER B 24 -29.49 0.12 -39.85
CA SER B 24 -28.39 -0.11 -38.94
C SER B 24 -28.10 1.08 -38.05
N LEU B 25 -28.85 2.18 -38.21
CA LEU B 25 -28.83 3.26 -37.24
C LEU B 25 -29.65 2.90 -36.00
N LEU B 26 -30.48 1.88 -36.11
CA LEU B 26 -31.21 1.32 -34.99
C LEU B 26 -30.32 0.34 -34.25
N VAL B 27 -29.97 0.70 -33.01
CA VAL B 27 -29.17 -0.13 -32.12
C VAL B 27 -29.98 -1.31 -31.62
N ASN B 28 -31.24 -1.04 -31.40
CA ASN B 28 -32.05 -1.59 -30.36
C ASN B 28 -32.90 -2.76 -30.89
N ILE B 29 -32.56 -3.26 -32.09
CA ILE B 29 -33.52 -3.98 -32.93
C ILE B 29 -33.98 -5.27 -32.28
N MET B 30 -33.07 -5.99 -31.62
CA MET B 30 -33.54 -7.26 -31.09
C MET B 30 -34.53 -7.10 -29.96
N GLU B 31 -34.81 -5.87 -29.54
CA GLU B 31 -35.78 -5.62 -28.49
C GLU B 31 -37.19 -5.47 -29.02
N TYR B 32 -37.34 -5.15 -30.32
CA TYR B 32 -38.64 -4.91 -30.92
C TYR B 32 -39.35 -6.23 -31.17
N GLU B 33 -40.38 -6.51 -30.35
CA GLU B 33 -41.11 -7.78 -30.31
C GLU B 33 -42.39 -7.78 -31.12
N LYS B 34 -42.72 -6.67 -31.76
CA LYS B 34 -43.95 -6.58 -32.54
C LYS B 34 -43.70 -7.22 -33.91
N ASP B 35 -44.71 -7.94 -34.40
CA ASP B 35 -44.67 -8.41 -35.78
C ASP B 35 -44.57 -7.23 -36.72
N ILE B 36 -43.63 -7.28 -37.66
CA ILE B 36 -43.72 -6.46 -38.84
C ILE B 36 -44.17 -7.36 -39.98
N ASP B 37 -45.36 -7.04 -40.52
CA ASP B 37 -45.97 -7.86 -41.53
C ASP B 37 -45.31 -7.56 -42.87
N VAL B 38 -44.77 -8.60 -43.50
CA VAL B 38 -44.19 -8.47 -44.82
C VAL B 38 -44.40 -9.79 -45.55
N MET B 39 -44.48 -9.70 -46.88
CA MET B 39 -44.75 -10.83 -47.73
C MET B 39 -43.69 -11.07 -48.79
N SER B 40 -42.74 -10.15 -48.94
CA SER B 40 -41.54 -10.42 -49.72
C SER B 40 -40.40 -9.55 -49.21
N ILE B 41 -39.29 -10.18 -48.80
CA ILE B 41 -38.10 -9.43 -48.38
C ILE B 41 -37.49 -8.69 -49.58
N GLN B 42 -37.69 -9.23 -50.80
CA GLN B 42 -37.13 -8.61 -52.01
C GLN B 42 -37.83 -7.28 -52.32
N SER B 43 -39.17 -7.28 -52.27
CA SER B 43 -39.96 -6.10 -52.60
C SER B 43 -39.76 -4.96 -51.63
N LEU B 44 -39.14 -5.25 -50.49
CA LEU B 44 -39.02 -4.38 -49.32
C LEU B 44 -37.84 -3.44 -49.40
N VAL B 45 -36.64 -3.97 -49.65
CA VAL B 45 -35.52 -3.10 -50.00
C VAL B 45 -35.83 -2.27 -51.23
N ALA B 46 -36.64 -2.83 -52.15
CA ALA B 46 -37.02 -2.14 -53.37
C ALA B 46 -38.01 -1.02 -53.08
N GLY B 47 -39.02 -1.31 -52.26
CA GLY B 47 -39.97 -0.29 -51.85
C GLY B 47 -39.40 0.74 -50.88
N TYR B 48 -38.24 0.48 -50.28
CA TYR B 48 -37.66 1.45 -49.36
C TYR B 48 -36.97 2.59 -50.11
N GLU B 49 -36.34 2.31 -51.26
CA GLU B 49 -35.74 3.42 -51.97
C GLU B 49 -36.80 4.33 -52.60
N LYS B 50 -38.02 3.82 -52.78
CA LYS B 50 -39.19 4.60 -53.19
C LYS B 50 -39.85 5.36 -52.03
N SER B 51 -39.34 5.22 -50.80
CA SER B 51 -40.02 5.73 -49.61
C SER B 51 -39.76 7.22 -49.39
N ASP B 52 -40.77 7.90 -48.84
CA ASP B 52 -40.63 9.31 -48.49
C ASP B 52 -39.58 9.50 -47.40
N THR B 53 -38.94 10.68 -47.41
CA THR B 53 -37.97 11.11 -46.39
C THR B 53 -38.57 12.21 -45.54
N PRO B 54 -38.78 12.01 -44.24
CA PRO B 54 -39.63 12.92 -43.46
C PRO B 54 -38.88 14.17 -42.99
N THR B 55 -39.68 15.12 -42.49
CA THR B 55 -39.18 16.39 -41.97
C THR B 55 -38.98 16.29 -40.45
N ILE B 56 -37.82 16.74 -39.99
CA ILE B 56 -37.54 16.86 -38.56
C ILE B 56 -37.36 18.34 -38.23
N THR B 57 -37.97 18.76 -37.13
CA THR B 57 -37.77 20.06 -36.52
C THR B 57 -37.13 19.91 -35.15
N CYS B 58 -36.40 20.93 -34.72
CA CYS B 58 -35.54 20.84 -33.55
C CYS B 58 -36.00 21.85 -32.51
N GLY B 59 -36.55 21.35 -31.40
CA GLY B 59 -37.07 22.21 -30.34
C GLY B 59 -36.10 22.38 -29.20
N ILE B 60 -35.83 23.64 -28.86
CA ILE B 60 -35.00 24.03 -27.73
C ILE B 60 -35.83 24.91 -26.83
N ILE B 61 -35.88 24.61 -25.53
CA ILE B 61 -36.43 25.55 -24.56
C ILE B 61 -35.25 26.17 -23.82
N VAL B 62 -35.22 27.49 -23.72
CA VAL B 62 -34.12 28.18 -23.03
C VAL B 62 -34.68 29.13 -21.99
N TYR B 63 -34.03 29.17 -20.83
CA TYR B 63 -33.94 30.34 -20.00
C TYR B 63 -32.53 30.89 -20.17
N ASN B 64 -31.99 31.52 -19.14
CA ASN B 64 -30.79 32.34 -19.28
C ASN B 64 -29.58 31.57 -19.79
N GLU B 65 -29.50 31.33 -21.09
CA GLU B 65 -28.44 30.51 -21.66
C GLU B 65 -27.51 31.33 -22.54
N SER B 66 -27.20 32.55 -22.10
CA SER B 66 -26.30 33.41 -22.86
C SER B 66 -24.95 32.72 -23.10
N LYS B 67 -24.49 31.95 -22.12
CA LYS B 67 -23.15 31.37 -22.18
C LYS B 67 -23.06 30.29 -23.26
N ARG B 68 -24.13 29.52 -23.45
CA ARG B 68 -24.04 28.28 -24.19
C ARG B 68 -24.94 28.19 -25.42
N ILE B 69 -25.83 29.16 -25.65
CA ILE B 69 -26.77 29.04 -26.75
C ILE B 69 -26.09 29.15 -28.13
N LYS B 70 -24.92 29.79 -28.19
CA LYS B 70 -24.26 29.95 -29.48
C LYS B 70 -23.69 28.62 -29.96
N LYS B 71 -22.78 28.02 -29.18
CA LYS B 71 -22.25 26.70 -29.51
C LYS B 71 -23.36 25.68 -29.74
N CYS B 72 -24.42 25.71 -28.93
CA CYS B 72 -25.55 24.82 -29.12
C CYS B 72 -26.11 24.95 -30.54
N LEU B 73 -26.61 26.14 -30.88
CA LEU B 73 -27.30 26.28 -32.16
C LEU B 73 -26.37 26.01 -33.33
N ASN B 74 -25.07 26.29 -33.15
CA ASN B 74 -24.11 26.02 -34.21
C ASN B 74 -24.04 24.54 -34.53
N SER B 75 -24.03 23.70 -33.49
CA SER B 75 -24.07 22.25 -33.65
C SER B 75 -25.22 21.80 -34.53
N VAL B 76 -26.26 22.60 -34.62
CA VAL B 76 -27.56 22.05 -34.96
C VAL B 76 -28.21 22.79 -36.11
N LYS B 77 -27.70 23.98 -36.51
CA LYS B 77 -28.50 24.77 -37.43
C LYS B 77 -28.39 24.32 -38.88
N ASP B 78 -27.92 23.11 -39.15
CA ASP B 78 -27.70 22.70 -40.52
C ASP B 78 -28.28 21.33 -40.81
N ASP B 79 -28.99 20.78 -39.83
CA ASP B 79 -29.36 19.37 -39.82
C ASP B 79 -30.88 19.18 -39.72
N PHE B 80 -31.69 20.18 -40.12
CA PHE B 80 -33.13 20.06 -39.79
C PHE B 80 -34.23 20.58 -40.75
N ASN B 81 -34.23 21.86 -41.14
CA ASN B 81 -35.41 22.55 -41.71
C ASN B 81 -36.44 22.85 -40.62
N GLU B 82 -36.24 24.00 -39.98
CA GLU B 82 -36.98 24.62 -38.88
C GLU B 82 -36.38 24.26 -37.52
N ILE B 83 -35.97 25.29 -36.78
CA ILE B 83 -35.46 25.20 -35.42
C ILE B 83 -36.18 26.25 -34.58
N ILE B 84 -36.79 25.83 -33.48
CA ILE B 84 -37.67 26.68 -32.66
C ILE B 84 -37.08 26.83 -31.26
N VAL B 85 -36.62 28.03 -30.90
CA VAL B 85 -36.14 28.29 -29.54
C VAL B 85 -37.30 28.95 -28.78
N LEU B 86 -37.45 28.63 -27.49
CA LEU B 86 -38.64 29.02 -26.74
C LEU B 86 -38.20 29.80 -25.52
N ASP B 87 -38.11 31.12 -25.65
CA ASP B 87 -37.54 31.94 -24.59
C ASP B 87 -38.57 32.10 -23.49
N SER B 88 -38.15 31.85 -22.26
CA SER B 88 -39.02 32.06 -21.11
C SER B 88 -38.78 33.42 -20.48
N TYR B 89 -38.45 34.41 -21.32
CA TYR B 89 -38.19 35.81 -20.97
C TYR B 89 -36.86 35.95 -20.24
N SER B 90 -35.78 35.58 -20.92
CA SER B 90 -34.47 35.66 -20.30
C SER B 90 -34.16 37.08 -19.84
N THR B 91 -33.49 37.19 -18.70
CA THR B 91 -33.04 38.48 -18.22
C THR B 91 -31.74 38.90 -18.88
N ASP B 92 -30.94 37.95 -19.34
CA ASP B 92 -29.74 38.29 -20.09
C ASP B 92 -30.04 38.30 -21.58
N ASP B 93 -28.97 38.44 -22.36
CA ASP B 93 -28.96 38.36 -23.82
C ASP B 93 -29.86 37.26 -24.36
N THR B 94 -29.25 36.07 -24.51
CA THR B 94 -29.84 34.89 -25.13
C THR B 94 -30.60 35.28 -26.39
N VAL B 95 -31.74 35.96 -26.19
CA VAL B 95 -32.71 36.18 -27.26
C VAL B 95 -32.06 36.83 -28.46
N ASP B 96 -31.25 37.85 -28.22
CA ASP B 96 -30.63 38.61 -29.32
C ASP B 96 -29.37 37.96 -29.84
N ILE B 97 -28.62 37.25 -28.97
CA ILE B 97 -27.54 36.39 -29.44
C ILE B 97 -28.08 35.45 -30.51
N ILE B 98 -29.33 35.02 -30.34
CA ILE B 98 -30.00 34.17 -31.31
C ILE B 98 -30.39 34.97 -32.55
N LYS B 99 -30.85 36.21 -32.36
CA LYS B 99 -31.51 36.93 -33.44
C LYS B 99 -30.53 37.37 -34.53
N CYS B 100 -29.28 37.67 -34.17
CA CYS B 100 -28.37 38.14 -35.20
C CYS B 100 -27.54 37.01 -35.81
N ASP B 101 -26.94 36.17 -34.96
CA ASP B 101 -26.06 35.10 -35.44
C ASP B 101 -26.83 33.97 -36.11
N PHE B 102 -28.09 33.75 -35.73
CA PHE B 102 -28.87 32.63 -36.23
C PHE B 102 -30.16 33.18 -36.83
N PRO B 103 -30.11 33.58 -38.09
CA PRO B 103 -31.22 34.31 -38.67
C PRO B 103 -32.42 33.45 -38.97
N ASP B 104 -32.24 32.15 -39.12
CA ASP B 104 -33.28 31.26 -39.59
C ASP B 104 -34.02 30.53 -38.48
N VAL B 105 -33.58 30.69 -37.23
CA VAL B 105 -34.19 29.99 -36.10
C VAL B 105 -35.37 30.82 -35.59
N GLU B 106 -36.57 30.23 -35.62
CA GLU B 106 -37.73 30.88 -35.03
C GLU B 106 -37.40 31.20 -33.57
N ILE B 107 -37.90 32.32 -33.06
CA ILE B 107 -37.90 32.60 -31.63
C ILE B 107 -39.35 32.80 -31.20
N LYS B 108 -39.80 32.05 -30.21
CA LYS B 108 -41.14 32.23 -29.64
C LYS B 108 -41.04 32.57 -28.15
N TYR B 109 -42.17 32.82 -27.51
CA TYR B 109 -42.20 33.23 -26.11
C TYR B 109 -43.30 32.51 -25.35
N GLU B 110 -43.11 32.45 -24.03
CA GLU B 110 -43.97 31.75 -23.09
C GLU B 110 -43.46 32.00 -21.69
N LYS B 111 -44.25 32.68 -20.86
CA LYS B 111 -43.88 32.76 -19.44
C LYS B 111 -43.67 31.37 -18.89
N TRP B 112 -42.74 31.24 -17.94
CA TRP B 112 -42.50 29.95 -17.29
C TRP B 112 -43.58 29.68 -16.26
N LYS B 113 -44.46 28.74 -16.57
CA LYS B 113 -45.14 27.98 -15.54
C LYS B 113 -44.15 26.91 -15.12
N ASN B 114 -44.21 26.49 -13.85
CA ASN B 114 -43.21 25.53 -13.36
C ASN B 114 -43.56 24.14 -13.89
N ASP B 115 -43.24 23.93 -15.16
CA ASP B 115 -43.72 22.74 -15.87
C ASP B 115 -42.90 22.60 -17.14
N PHE B 116 -41.92 21.71 -17.11
CA PHE B 116 -41.13 21.47 -18.31
C PHE B 116 -41.99 20.84 -19.38
N SER B 117 -43.01 20.05 -19.02
CA SER B 117 -43.88 19.50 -20.05
C SER B 117 -44.68 20.58 -20.78
N TYR B 118 -45.21 21.58 -20.05
CA TYR B 118 -45.98 22.62 -20.71
C TYR B 118 -45.13 23.35 -21.73
N ALA B 119 -43.91 23.75 -21.35
CA ALA B 119 -42.98 24.43 -22.25
C ALA B 119 -42.67 23.59 -23.49
N ARG B 120 -41.98 22.45 -23.29
CA ARG B 120 -41.80 21.40 -24.30
C ARG B 120 -43.05 21.18 -25.16
N ASN B 121 -44.22 21.13 -24.52
CA ASN B 121 -45.45 20.88 -25.26
C ASN B 121 -45.90 22.08 -26.10
N LYS B 122 -45.44 23.30 -25.76
CA LYS B 122 -45.68 24.43 -26.64
C LYS B 122 -44.99 24.21 -27.99
N ILE B 123 -43.66 24.09 -27.98
CA ILE B 123 -42.89 23.80 -29.19
C ILE B 123 -43.49 22.69 -30.02
N ILE B 124 -44.11 21.69 -29.39
CA ILE B 124 -44.80 20.66 -30.15
C ILE B 124 -45.91 21.28 -30.98
N GLU B 125 -46.72 22.15 -30.37
CA GLU B 125 -47.89 22.68 -31.07
C GLU B 125 -47.51 23.84 -31.99
N TYR B 126 -46.35 24.48 -31.78
CA TYR B 126 -45.83 25.48 -32.69
C TYR B 126 -45.15 24.88 -33.90
N ALA B 127 -44.90 23.57 -33.91
CA ALA B 127 -43.97 22.96 -34.86
C ALA B 127 -44.69 22.41 -36.08
N THR B 128 -44.09 22.63 -37.26
CA THR B 128 -44.72 22.41 -38.54
C THR B 128 -44.31 21.10 -39.20
N SER B 129 -43.22 20.49 -38.74
CA SER B 129 -42.68 19.31 -39.40
C SER B 129 -43.52 18.07 -39.11
N GLU B 130 -42.95 16.91 -39.29
CA GLU B 130 -43.68 15.71 -38.98
C GLU B 130 -42.90 14.76 -38.06
N TRP B 131 -41.73 15.18 -37.60
CA TRP B 131 -41.03 14.66 -36.43
C TRP B 131 -40.49 15.85 -35.64
N ILE B 132 -40.27 15.65 -34.34
CA ILE B 132 -39.54 16.64 -33.55
C ILE B 132 -38.39 15.95 -32.84
N TYR B 133 -37.32 16.71 -32.59
CA TYR B 133 -36.19 16.24 -31.79
C TYR B 133 -35.76 17.37 -30.85
N PHE B 134 -35.86 17.12 -29.54
CA PHE B 134 -35.55 18.11 -28.52
C PHE B 134 -34.09 18.07 -28.09
N ILE B 135 -33.49 19.23 -27.88
CA ILE B 135 -32.15 19.32 -27.33
C ILE B 135 -32.08 20.51 -26.41
N ASP B 136 -31.45 20.32 -25.25
CA ASP B 136 -31.30 21.38 -24.25
C ASP B 136 -30.02 22.16 -24.52
N ALA B 137 -29.88 23.33 -23.88
CA ALA B 137 -28.91 24.31 -24.35
C ALA B 137 -27.45 24.00 -23.94
N ASP B 138 -27.21 23.42 -22.78
CA ASP B 138 -25.86 23.00 -22.42
C ASP B 138 -25.42 21.75 -23.12
N ASN B 139 -26.13 21.37 -24.17
CA ASN B 139 -25.83 20.15 -24.91
C ASN B 139 -25.48 20.50 -26.34
N LEU B 140 -24.86 19.56 -27.00
CA LEU B 140 -24.17 19.90 -28.22
C LEU B 140 -24.31 18.70 -29.12
N TYR B 141 -24.56 18.95 -30.38
CA TYR B 141 -25.09 17.92 -31.25
C TYR B 141 -24.00 17.40 -32.16
N SER B 142 -23.54 16.17 -31.92
CA SER B 142 -22.29 15.70 -32.51
C SER B 142 -22.25 15.91 -34.01
N LYS B 143 -21.08 16.36 -34.47
CA LYS B 143 -20.79 16.58 -35.89
C LYS B 143 -21.14 15.33 -36.69
N GLU B 144 -21.10 14.18 -36.02
CA GLU B 144 -21.20 12.84 -36.59
C GLU B 144 -22.60 12.50 -37.08
N ASN B 145 -23.60 13.23 -36.64
CA ASN B 145 -24.97 12.85 -36.97
C ASN B 145 -25.40 13.40 -38.31
N LYS B 146 -24.58 14.23 -38.95
CA LYS B 146 -24.86 14.73 -40.30
C LYS B 146 -25.59 13.75 -41.20
N GLY B 147 -26.77 14.16 -41.68
CA GLY B 147 -27.55 13.35 -42.60
C GLY B 147 -28.10 12.06 -42.04
N LYS B 148 -27.93 11.81 -40.73
CA LYS B 148 -28.36 10.56 -40.10
C LYS B 148 -29.76 10.65 -39.48
N ILE B 149 -30.26 11.84 -39.21
CA ILE B 149 -31.42 11.96 -38.33
C ILE B 149 -32.67 11.53 -39.08
N ALA B 150 -32.84 12.10 -40.28
CA ALA B 150 -33.99 11.79 -41.11
C ALA B 150 -33.93 10.37 -41.63
N LYS B 151 -32.73 9.81 -41.73
CA LYS B 151 -32.64 8.41 -42.08
C LYS B 151 -33.30 7.57 -40.99
N VAL B 152 -33.19 8.00 -39.73
CA VAL B 152 -33.81 7.26 -38.66
C VAL B 152 -35.32 7.43 -38.73
N ALA B 153 -35.79 8.66 -39.01
CA ALA B 153 -37.22 8.87 -39.20
C ALA B 153 -37.75 8.03 -40.35
N ARG B 154 -37.00 8.00 -41.46
CA ARG B 154 -37.45 7.34 -42.70
C ARG B 154 -37.72 5.86 -42.50
N VAL B 155 -36.81 5.15 -41.83
CA VAL B 155 -37.03 3.72 -41.62
C VAL B 155 -38.24 3.49 -40.72
N LEU B 156 -38.35 4.28 -39.66
CA LEU B 156 -39.37 4.03 -38.67
C LEU B 156 -40.75 4.28 -39.25
N GLU B 157 -40.87 5.24 -40.18
CA GLU B 157 -42.13 5.37 -40.91
C GLU B 157 -42.28 4.27 -41.96
N PHE B 158 -41.18 3.83 -42.56
CA PHE B 158 -41.29 2.86 -43.63
C PHE B 158 -41.82 1.54 -43.11
N PHE B 159 -41.54 1.22 -41.85
CA PHE B 159 -42.16 0.10 -41.17
C PHE B 159 -43.35 0.52 -40.32
N SER B 160 -43.57 1.84 -40.21
CA SER B 160 -44.63 2.42 -39.39
C SER B 160 -44.58 1.86 -37.97
N ILE B 161 -43.43 2.07 -37.33
CA ILE B 161 -43.20 1.63 -35.95
C ILE B 161 -43.51 2.80 -35.02
N ASP B 162 -44.30 2.53 -33.98
CA ASP B 162 -44.64 3.55 -33.01
C ASP B 162 -43.68 3.49 -31.82
N CYS B 163 -42.95 4.58 -31.62
CA CYS B 163 -41.83 4.61 -30.70
C CYS B 163 -41.39 6.05 -30.49
N VAL B 164 -40.80 6.31 -29.33
CA VAL B 164 -39.98 7.48 -29.14
C VAL B 164 -38.53 7.06 -29.42
N VAL B 165 -37.64 8.02 -29.53
CA VAL B 165 -36.32 7.73 -30.06
C VAL B 165 -35.23 8.38 -29.21
N SER B 166 -34.31 7.57 -28.72
CA SER B 166 -33.27 8.00 -27.81
C SER B 166 -31.93 7.97 -28.53
N PRO B 167 -31.28 9.11 -28.74
CA PRO B 167 -29.84 9.11 -29.06
C PRO B 167 -29.04 8.89 -27.77
N TYR B 168 -27.73 8.65 -27.94
CA TYR B 168 -26.84 8.58 -26.80
C TYR B 168 -26.46 9.98 -26.33
N ILE B 169 -26.68 10.30 -25.05
CA ILE B 169 -26.14 11.53 -24.46
C ILE B 169 -24.91 11.19 -23.62
N GLU B 170 -23.78 11.80 -23.93
CA GLU B 170 -22.55 11.65 -23.18
C GLU B 170 -22.38 12.80 -22.18
N GLU B 171 -22.61 12.52 -20.89
CA GLU B 171 -22.24 13.37 -19.76
C GLU B 171 -20.84 13.94 -19.92
N TYR B 172 -20.55 15.09 -19.29
CA TYR B 172 -19.19 15.62 -19.31
C TYR B 172 -18.24 14.67 -18.61
N THR B 173 -18.78 13.82 -17.75
CA THR B 173 -18.06 12.75 -17.08
C THR B 173 -17.71 11.62 -18.02
N GLY B 174 -18.24 11.62 -19.23
CA GLY B 174 -18.09 10.48 -20.11
C GLY B 174 -19.18 9.44 -19.95
N HIS B 175 -19.96 9.51 -18.86
CA HIS B 175 -21.10 8.62 -18.69
C HIS B 175 -22.10 8.87 -19.79
N LEU B 176 -22.66 7.78 -20.29
CA LEU B 176 -23.33 7.78 -21.57
C LEU B 176 -24.75 7.28 -21.30
N TYR B 177 -25.74 8.17 -21.44
CA TYR B 177 -27.16 7.88 -21.17
C TYR B 177 -27.81 7.40 -22.44
N SER B 178 -28.67 6.37 -22.36
CA SER B 178 -29.37 5.97 -23.59
C SER B 178 -30.90 5.88 -23.46
N ASP B 179 -31.50 6.24 -22.32
CA ASP B 179 -32.95 6.34 -22.20
C ASP B 179 -33.27 7.83 -22.17
N THR B 180 -33.20 8.46 -23.34
CA THR B 180 -33.30 9.89 -23.42
C THR B 180 -34.59 10.38 -24.06
N ARG B 181 -35.24 9.57 -24.89
CA ARG B 181 -36.59 9.85 -25.40
C ARG B 181 -36.70 11.29 -25.93
N ARG B 182 -35.77 11.63 -26.82
CA ARG B 182 -35.64 12.99 -27.31
C ARG B 182 -36.27 13.23 -28.68
N MET B 183 -36.70 12.20 -29.41
CA MET B 183 -37.25 12.37 -30.74
C MET B 183 -38.52 11.55 -30.90
N PHE B 184 -39.51 12.13 -31.56
CA PHE B 184 -40.75 11.42 -31.81
C PHE B 184 -41.56 12.11 -32.90
N ARG B 185 -42.31 11.28 -33.62
CA ARG B 185 -43.28 11.62 -34.67
C ARG B 185 -44.31 12.66 -34.21
N LEU B 186 -44.40 13.79 -34.94
CA LEU B 186 -45.30 14.90 -34.59
C LEU B 186 -46.68 14.68 -35.21
N ASN B 187 -47.43 13.72 -34.64
CA ASN B 187 -48.64 13.21 -35.26
C ASN B 187 -49.75 13.06 -34.25
N GLY B 188 -49.89 14.04 -33.35
CA GLY B 188 -50.97 14.05 -32.33
C GLY B 188 -50.91 13.04 -31.19
N LYS B 189 -50.70 11.76 -31.49
CA LYS B 189 -50.08 10.84 -30.55
C LYS B 189 -48.82 11.47 -29.95
N VAL B 190 -48.65 11.37 -28.62
CA VAL B 190 -47.38 11.60 -27.92
C VAL B 190 -47.13 13.06 -27.54
N LYS B 191 -46.98 13.30 -26.24
CA LYS B 191 -46.91 14.61 -25.60
C LYS B 191 -46.12 14.43 -24.30
N PHE B 192 -45.38 15.45 -23.89
CA PHE B 192 -44.65 15.35 -22.64
C PHE B 192 -45.60 15.35 -21.45
N HIS B 193 -45.26 14.57 -20.42
CA HIS B 193 -45.93 14.53 -19.12
C HIS B 193 -44.95 14.75 -17.97
N GLY B 194 -45.37 15.52 -16.98
CA GLY B 194 -44.60 15.64 -15.76
C GLY B 194 -44.13 17.05 -15.51
N LYS B 195 -44.26 17.55 -14.29
CA LYS B 195 -43.72 18.87 -14.04
C LYS B 195 -42.20 18.89 -14.15
N VAL B 196 -41.56 17.74 -13.91
CA VAL B 196 -40.11 17.61 -13.95
C VAL B 196 -39.82 16.16 -14.25
N HIS B 197 -38.58 15.84 -14.59
CA HIS B 197 -38.21 14.50 -15.01
C HIS B 197 -39.20 14.01 -16.05
N GLU B 198 -39.57 14.94 -16.93
CA GLU B 198 -40.57 14.73 -17.95
C GLU B 198 -40.07 13.86 -19.10
N GLU B 199 -40.99 13.11 -19.69
CA GLU B 199 -40.68 12.31 -20.86
C GLU B 199 -41.91 12.24 -21.75
N PRO B 200 -41.74 11.94 -23.04
CA PRO B 200 -42.90 11.80 -23.92
C PRO B 200 -43.65 10.52 -23.59
N MET B 201 -44.96 10.64 -23.51
CA MET B 201 -45.86 9.53 -23.33
C MET B 201 -46.85 9.57 -24.47
N ASN B 202 -47.21 8.42 -25.03
CA ASN B 202 -48.22 8.42 -26.07
C ASN B 202 -49.58 8.41 -25.39
N TYR B 203 -50.45 9.32 -25.80
CA TYR B 203 -51.36 9.99 -24.88
C TYR B 203 -52.40 9.06 -24.24
N ASN B 204 -52.51 7.79 -24.63
CA ASN B 204 -53.32 6.89 -23.82
C ASN B 204 -52.65 6.53 -22.50
N HIS B 205 -51.64 7.32 -22.12
CA HIS B 205 -50.89 7.25 -20.86
C HIS B 205 -49.91 6.06 -20.77
N SER B 206 -49.97 5.12 -21.72
CA SER B 206 -48.77 4.74 -22.48
C SER B 206 -47.70 3.83 -21.89
N LEU B 207 -46.59 3.85 -22.63
CA LEU B 207 -45.18 4.04 -22.32
C LEU B 207 -44.47 3.53 -23.56
N PRO B 208 -44.35 4.37 -24.58
CA PRO B 208 -43.87 3.94 -25.90
C PRO B 208 -42.57 3.16 -25.90
N PHE B 209 -42.39 2.32 -26.91
CA PHE B 209 -41.13 1.64 -27.09
C PHE B 209 -40.08 2.71 -27.38
N ASN B 210 -38.84 2.43 -27.01
CA ASN B 210 -37.76 3.39 -27.19
C ASN B 210 -36.71 2.81 -28.12
N PHE B 211 -36.63 3.25 -29.37
CA PHE B 211 -35.41 2.97 -30.12
C PHE B 211 -34.27 3.86 -29.67
N ILE B 212 -33.23 3.20 -29.16
CA ILE B 212 -31.88 3.72 -29.09
C ILE B 212 -31.35 3.74 -30.51
N VAL B 213 -31.14 4.93 -31.04
CA VAL B 213 -30.52 5.05 -32.34
C VAL B 213 -29.10 5.58 -32.17
N ASN B 214 -28.34 5.47 -33.23
CA ASN B 214 -26.91 5.63 -33.19
C ASN B 214 -26.55 7.10 -33.52
N LEU B 215 -27.11 8.00 -32.72
CA LEU B 215 -26.85 9.43 -32.79
C LEU B 215 -26.35 9.89 -31.43
N LYS B 216 -25.57 10.97 -31.41
CA LYS B 216 -24.81 11.28 -30.19
C LYS B 216 -24.86 12.77 -29.92
N VAL B 217 -24.89 13.11 -28.64
CA VAL B 217 -24.88 14.50 -28.21
C VAL B 217 -23.93 14.56 -27.03
N TYR B 218 -23.24 15.69 -26.89
CA TYR B 218 -22.20 15.86 -25.90
C TYR B 218 -22.47 17.09 -25.06
N HIS B 219 -21.85 17.14 -23.88
CA HIS B 219 -21.87 18.34 -23.07
C HIS B 219 -21.17 19.49 -23.78
N ASN B 220 -21.30 20.68 -23.20
CA ASN B 220 -20.92 21.94 -23.81
C ASN B 220 -20.23 22.87 -22.80
N GLU B 226 -20.30 23.47 -13.54
CA GLU B 226 -20.06 24.41 -12.43
C GLU B 226 -20.46 23.79 -11.09
N ASN B 227 -20.71 24.61 -10.08
CA ASN B 227 -21.50 24.24 -8.90
C ASN B 227 -22.81 25.06 -8.92
N ASN B 228 -23.31 25.28 -10.13
CA ASN B 228 -24.72 25.55 -10.33
C ASN B 228 -25.54 24.27 -10.43
N ILE B 229 -24.92 23.09 -10.27
CA ILE B 229 -25.75 21.91 -10.04
C ILE B 229 -26.61 22.15 -8.80
N LYS B 230 -26.00 22.67 -7.74
CA LYS B 230 -26.77 23.09 -6.56
C LYS B 230 -27.97 23.95 -6.96
N SER B 231 -27.78 24.88 -7.90
CA SER B 231 -28.86 25.73 -8.39
C SER B 231 -29.97 24.88 -9.00
N LYS B 232 -29.66 24.23 -10.13
CA LYS B 232 -30.66 23.47 -10.88
C LYS B 232 -31.38 22.45 -10.00
N THR B 233 -30.67 21.81 -9.06
CA THR B 233 -31.27 20.77 -8.21
C THR B 233 -32.26 21.36 -7.23
N ARG B 234 -31.92 22.48 -6.59
CA ARG B 234 -32.90 23.15 -5.74
C ARG B 234 -34.16 23.48 -6.53
N ARG B 235 -34.01 23.84 -7.80
CA ARG B 235 -35.18 24.08 -8.65
C ARG B 235 -35.99 22.79 -8.85
N ASN B 236 -35.33 21.68 -9.10
CA ASN B 236 -36.05 20.47 -9.48
C ASN B 236 -36.67 19.76 -8.28
N ILE B 237 -36.00 19.79 -7.12
CA ILE B 237 -36.53 19.06 -5.99
C ILE B 237 -37.87 19.64 -5.61
N ASN B 238 -37.99 20.97 -5.73
CA ASN B 238 -39.28 21.63 -5.54
C ASN B 238 -40.36 20.95 -6.39
N LEU B 239 -40.04 20.72 -7.67
CA LEU B 239 -40.95 20.09 -8.62
C LEU B 239 -41.10 18.59 -8.35
N THR B 240 -39.99 17.91 -8.02
CA THR B 240 -40.05 16.47 -7.78
C THR B 240 -40.88 16.12 -6.54
N GLU B 241 -40.65 16.82 -5.42
CA GLU B 241 -41.45 16.62 -4.21
C GLU B 241 -42.93 16.82 -4.50
N GLU B 242 -43.24 17.74 -5.39
CA GLU B 242 -44.62 17.97 -5.78
C GLU B 242 -45.18 16.75 -6.50
N MET B 243 -44.52 16.34 -7.57
CA MET B 243 -44.96 15.20 -8.35
C MET B 243 -45.11 13.94 -7.48
N LEU B 244 -44.29 13.84 -6.42
CA LEU B 244 -44.28 12.68 -5.51
C LEU B 244 -45.42 12.74 -4.50
N ARG B 245 -45.77 13.94 -4.02
CA ARG B 245 -46.89 14.05 -3.09
C ARG B 245 -48.20 13.61 -3.72
N LEU B 246 -48.35 13.76 -5.04
CA LEU B 246 -49.51 13.17 -5.71
C LEU B 246 -49.49 11.64 -5.61
N GLU B 247 -48.31 11.02 -5.77
CA GLU B 247 -48.16 9.56 -5.79
C GLU B 247 -47.13 9.09 -4.77
N PRO B 248 -47.40 9.27 -3.47
CA PRO B 248 -46.36 9.09 -2.44
C PRO B 248 -45.81 7.68 -2.28
N GLU B 249 -46.31 6.68 -3.00
CA GLU B 249 -45.79 5.33 -2.89
C GLU B 249 -45.09 4.91 -4.18
N ASN B 250 -44.83 5.86 -5.09
CA ASN B 250 -44.32 5.50 -6.40
C ASN B 250 -42.81 5.26 -6.36
N PRO B 251 -42.32 4.08 -6.78
CA PRO B 251 -40.88 3.83 -6.70
C PRO B 251 -40.04 4.79 -7.52
N LYS B 252 -40.51 5.20 -8.70
CA LYS B 252 -39.74 6.15 -9.51
C LYS B 252 -39.59 7.49 -8.80
N TRP B 253 -40.67 7.96 -8.17
CA TRP B 253 -40.61 9.28 -7.58
C TRP B 253 -39.85 9.25 -6.27
N LEU B 254 -40.05 8.20 -5.50
CA LEU B 254 -39.22 8.02 -4.32
C LEU B 254 -37.74 8.02 -4.67
N PHE B 255 -37.36 7.32 -5.74
CA PHE B 255 -35.96 7.35 -6.16
C PHE B 255 -35.54 8.76 -6.62
N PHE B 256 -36.34 9.40 -7.48
CA PHE B 256 -35.95 10.72 -8.00
C PHE B 256 -35.72 11.68 -6.85
N PHE B 257 -36.65 11.74 -5.91
CA PHE B 257 -36.55 12.63 -4.77
C PHE B 257 -35.35 12.29 -3.92
N GLY B 258 -35.29 11.04 -3.44
CA GLY B 258 -34.11 10.46 -2.83
C GLY B 258 -32.80 10.81 -3.51
N ARG B 259 -32.75 10.73 -4.84
CA ARG B 259 -31.54 11.17 -5.54
C ARG B 259 -31.25 12.65 -5.30
N GLU B 260 -32.24 13.53 -5.48
CA GLU B 260 -31.92 14.94 -5.38
C GLU B 260 -31.57 15.33 -3.94
N LEU B 261 -32.19 14.68 -2.97
CA LEU B 261 -31.82 14.85 -1.58
C LEU B 261 -30.34 14.60 -1.40
N HIS B 262 -29.87 13.50 -1.99
CA HIS B 262 -28.43 13.21 -1.98
C HIS B 262 -27.63 14.38 -2.55
N LEU B 263 -28.03 14.86 -3.73
CA LEU B 263 -27.28 15.91 -4.39
C LEU B 263 -27.19 17.17 -3.54
N LEU B 264 -28.10 17.34 -2.59
CA LEU B 264 -28.10 18.45 -1.65
C LEU B 264 -27.46 18.08 -0.32
N ASP B 265 -26.41 17.24 -0.34
CA ASP B 265 -25.97 16.37 0.74
C ASP B 265 -26.94 16.32 1.92
N LYS B 266 -28.08 15.69 1.70
CA LYS B 266 -28.90 15.25 2.81
C LYS B 266 -28.94 13.71 2.75
N ASP B 267 -27.76 13.08 2.96
CA ASP B 267 -27.60 11.66 2.63
C ASP B 267 -28.44 10.75 3.53
N GLU B 268 -28.58 11.09 4.81
CA GLU B 268 -29.32 10.18 5.69
C GLU B 268 -30.80 10.10 5.29
N GLU B 269 -31.36 11.22 4.85
CA GLU B 269 -32.74 11.27 4.38
C GLU B 269 -32.87 10.63 2.98
N ALA B 270 -31.88 10.83 2.11
CA ALA B 270 -31.90 10.16 0.81
C ALA B 270 -31.86 8.63 0.95
N ILE B 271 -31.14 8.11 1.96
CA ILE B 271 -31.07 6.67 2.12
C ILE B 271 -32.44 6.10 2.45
N ASP B 272 -33.25 6.86 3.20
CA ASP B 272 -34.59 6.41 3.55
C ASP B 272 -35.48 6.33 2.31
N TYR B 273 -35.47 7.38 1.48
CA TYR B 273 -36.28 7.30 0.28
C TYR B 273 -35.81 6.20 -0.66
N LEU B 274 -34.50 5.97 -0.75
CA LEU B 274 -33.99 4.92 -1.62
C LEU B 274 -34.36 3.55 -1.09
N LYS B 275 -34.31 3.38 0.24
CA LYS B 275 -34.78 2.14 0.85
C LYS B 275 -36.28 1.91 0.59
N LYS B 276 -37.11 2.98 0.59
CA LYS B 276 -38.54 2.86 0.26
C LYS B 276 -38.78 2.60 -1.23
N SER B 277 -38.13 3.37 -2.10
CA SER B 277 -38.19 3.09 -3.53
C SER B 277 -37.85 1.65 -3.81
N ILE B 278 -36.77 1.14 -3.22
CA ILE B 278 -36.37 -0.22 -3.52
C ILE B 278 -37.40 -1.23 -3.02
N ASN B 279 -38.04 -1.00 -1.88
CA ASN B 279 -39.08 -1.94 -1.45
C ASN B 279 -40.24 -1.98 -2.44
N ASN B 280 -40.57 -0.83 -3.03
CA ASN B 280 -41.76 -0.71 -3.85
C ASN B 280 -41.55 -1.13 -5.29
N TYR B 281 -40.33 -1.03 -5.85
CA TYR B 281 -40.18 -1.58 -7.19
C TYR B 281 -40.55 -3.04 -7.30
N LYS B 282 -40.42 -3.82 -6.23
CA LYS B 282 -40.69 -5.26 -6.29
C LYS B 282 -41.92 -5.59 -7.16
N LYS B 283 -43.05 -4.97 -6.87
CA LYS B 283 -44.33 -5.22 -7.54
C LYS B 283 -44.77 -3.92 -8.19
N PHE B 284 -44.16 -3.60 -9.34
CA PHE B 284 -44.34 -2.31 -10.02
C PHE B 284 -43.77 -2.43 -11.44
N ASN B 285 -44.42 -1.77 -12.39
CA ASN B 285 -44.23 -2.15 -13.79
C ASN B 285 -43.07 -1.44 -14.46
N ASP B 286 -42.94 -0.12 -14.32
CA ASP B 286 -41.81 0.57 -14.95
C ASP B 286 -40.57 0.44 -14.07
N GLN B 287 -39.74 -0.58 -14.32
CA GLN B 287 -38.61 -0.86 -13.45
C GLN B 287 -37.32 -0.22 -13.95
N ARG B 288 -37.45 0.73 -14.86
CA ARG B 288 -36.31 1.36 -15.50
C ARG B 288 -35.32 1.93 -14.49
N HIS B 289 -35.83 2.65 -13.51
CA HIS B 289 -34.89 3.25 -12.57
C HIS B 289 -34.66 2.36 -11.38
N PHE B 290 -35.22 1.15 -11.37
CA PHE B 290 -34.99 0.25 -10.25
C PHE B 290 -33.49 0.07 -10.01
N ILE B 291 -32.73 -0.19 -11.09
CA ILE B 291 -31.29 -0.37 -10.93
C ILE B 291 -30.64 0.90 -10.40
N ASP B 292 -31.10 2.06 -10.84
CA ASP B 292 -30.45 3.30 -10.42
C ASP B 292 -30.59 3.53 -8.92
N ALA B 293 -31.74 3.15 -8.35
CA ALA B 293 -31.89 3.16 -6.91
C ALA B 293 -30.88 2.22 -6.24
N LEU B 294 -30.73 0.99 -6.74
CA LEU B 294 -29.90 0.02 -6.02
C LEU B 294 -28.44 0.47 -6.02
N VAL B 295 -27.93 0.93 -7.16
CA VAL B 295 -26.51 1.25 -7.20
C VAL B 295 -26.23 2.53 -6.46
N LEU B 296 -27.23 3.38 -6.29
CA LEU B 296 -27.03 4.58 -5.49
C LEU B 296 -27.10 4.28 -4.00
N LEU B 297 -28.02 3.42 -3.60
CA LEU B 297 -28.14 3.09 -2.20
C LEU B 297 -26.93 2.31 -1.77
N CYS B 298 -26.36 1.56 -2.70
CA CYS B 298 -25.18 0.81 -2.37
C CYS B 298 -23.98 1.73 -2.21
N THR B 299 -23.87 2.78 -3.05
CA THR B 299 -22.69 3.64 -2.89
C THR B 299 -22.78 4.41 -1.59
N LEU B 300 -23.98 4.88 -1.25
CA LEU B 300 -24.19 5.65 -0.03
C LEU B 300 -23.97 4.79 1.20
N LEU B 301 -24.55 3.59 1.20
CA LEU B 301 -24.26 2.62 2.24
C LEU B 301 -22.77 2.36 2.34
N LEU B 302 -22.11 2.19 1.19
CA LEU B 302 -20.66 2.03 1.19
C LEU B 302 -19.99 3.25 1.81
N GLN B 303 -20.42 4.45 1.40
CA GLN B 303 -19.72 5.62 1.88
C GLN B 303 -19.90 5.82 3.36
N ARG B 304 -20.87 5.18 3.98
CA ARG B 304 -21.07 5.34 5.41
C ARG B 304 -20.54 4.13 6.17
N ASN B 305 -19.74 3.31 5.51
CA ASN B 305 -19.15 2.14 6.13
C ASN B 305 -20.21 1.30 6.82
N ASN B 306 -21.30 1.06 6.09
CA ASN B 306 -22.38 0.26 6.62
C ASN B 306 -22.38 -1.04 5.82
N TYR B 307 -21.44 -1.91 6.15
CA TYR B 307 -21.19 -3.05 5.29
C TYR B 307 -22.31 -4.07 5.35
N VAL B 308 -22.96 -4.25 6.51
CA VAL B 308 -24.03 -5.26 6.62
C VAL B 308 -25.18 -4.91 5.69
N ASP B 309 -25.63 -3.65 5.70
CA ASP B 309 -26.76 -3.27 4.86
C ASP B 309 -26.36 -3.24 3.39
N LEU B 310 -25.13 -2.78 3.09
CA LEU B 310 -24.62 -2.86 1.72
C LEU B 310 -24.66 -4.28 1.19
N THR B 311 -24.27 -5.26 2.01
CA THR B 311 -24.25 -6.64 1.52
C THR B 311 -25.65 -7.10 1.19
N LEU B 312 -26.62 -6.74 2.04
CA LEU B 312 -28.00 -7.13 1.82
C LEU B 312 -28.52 -6.52 0.52
N TYR B 313 -28.36 -5.21 0.35
CA TYR B 313 -28.84 -4.61 -0.89
C TYR B 313 -28.07 -5.12 -2.07
N LEU B 314 -26.77 -5.39 -1.88
CA LEU B 314 -25.92 -5.95 -2.93
C LEU B 314 -26.47 -7.25 -3.48
N ASP B 315 -26.92 -8.15 -2.61
CA ASP B 315 -27.47 -9.42 -3.09
C ASP B 315 -28.71 -9.17 -3.93
N ILE B 316 -29.49 -8.14 -3.62
CA ILE B 316 -30.66 -7.78 -4.44
C ILE B 316 -30.20 -7.33 -5.83
N LEU B 317 -29.36 -6.29 -5.88
CA LEU B 317 -28.79 -5.85 -7.15
C LEU B 317 -28.27 -7.03 -7.96
N GLU B 318 -27.66 -8.03 -7.30
CA GLU B 318 -27.05 -9.16 -7.99
C GLU B 318 -28.08 -10.18 -8.46
N THR B 319 -29.18 -10.36 -7.72
CA THR B 319 -30.25 -11.23 -8.21
C THR B 319 -31.18 -10.54 -9.18
N GLU B 320 -31.37 -9.22 -9.06
CA GLU B 320 -32.30 -8.55 -9.95
C GLU B 320 -31.66 -8.14 -11.26
N TYR B 321 -30.34 -8.00 -11.30
CA TYR B 321 -29.63 -7.49 -12.47
C TYR B 321 -28.26 -8.16 -12.56
N PRO B 322 -28.24 -9.47 -12.84
CA PRO B 322 -27.03 -10.25 -12.57
C PRO B 322 -25.84 -9.90 -13.43
N ARG B 323 -26.04 -9.24 -14.57
CA ARG B 323 -24.99 -8.89 -15.52
C ARG B 323 -24.55 -7.44 -15.38
N CYS B 324 -24.85 -6.83 -14.23
CA CYS B 324 -24.39 -5.50 -13.91
C CYS B 324 -23.01 -5.57 -13.24
N VAL B 325 -22.01 -4.94 -13.86
CA VAL B 325 -20.65 -5.05 -13.37
C VAL B 325 -20.49 -4.44 -11.99
N ASP B 326 -21.39 -3.53 -11.62
CA ASP B 326 -21.23 -2.78 -10.38
C ASP B 326 -21.36 -3.67 -9.15
N VAL B 327 -21.92 -4.87 -9.31
CA VAL B 327 -21.88 -5.84 -8.22
C VAL B 327 -20.42 -6.12 -7.88
N ASP B 328 -19.64 -6.45 -8.90
CA ASP B 328 -18.21 -6.68 -8.75
C ASP B 328 -17.49 -5.46 -8.19
N TYR B 329 -17.99 -4.25 -8.43
CA TYR B 329 -17.40 -3.06 -7.83
C TYR B 329 -17.53 -3.07 -6.31
N PHE B 330 -18.75 -3.22 -5.79
CA PHE B 330 -18.94 -3.13 -4.35
C PHE B 330 -18.31 -4.32 -3.62
N ARG B 331 -18.28 -5.50 -4.25
CA ARG B 331 -17.58 -6.63 -3.63
C ARG B 331 -16.08 -6.36 -3.50
N SER B 332 -15.42 -5.92 -4.59
CA SER B 332 -14.04 -5.44 -4.51
C SER B 332 -13.84 -4.47 -3.37
N ALA B 333 -14.66 -3.42 -3.33
CA ALA B 333 -14.55 -2.43 -2.27
C ALA B 333 -14.60 -3.05 -0.88
N ILE B 334 -15.32 -4.16 -0.73
CA ILE B 334 -15.44 -4.72 0.61
C ILE B 334 -14.21 -5.55 0.95
N LEU B 335 -13.77 -6.42 0.02
CA LEU B 335 -12.52 -7.14 0.23
C LEU B 335 -11.40 -6.17 0.55
N LEU B 336 -11.36 -5.05 -0.13
CA LEU B 336 -10.27 -4.14 0.09
C LEU B 336 -10.36 -3.54 1.48
N VAL B 337 -11.57 -3.43 2.01
CA VAL B 337 -11.76 -3.01 3.41
C VAL B 337 -11.22 -4.07 4.35
N ASP B 338 -11.60 -5.33 4.12
CA ASP B 338 -11.13 -6.43 4.96
C ASP B 338 -9.61 -6.52 4.96
N MET B 339 -8.98 -6.29 3.81
CA MET B 339 -7.53 -6.26 3.74
C MET B 339 -6.94 -5.13 4.58
N GLN B 340 -7.56 -3.95 4.56
CA GLN B 340 -7.07 -2.87 5.41
C GLN B 340 -7.06 -3.29 6.87
N ASN B 341 -8.08 -4.03 7.31
CA ASN B 341 -8.16 -4.38 8.72
C ASN B 341 -7.16 -5.46 9.06
N LYS B 342 -6.94 -6.38 8.11
CA LYS B 342 -5.91 -7.38 8.28
C LYS B 342 -4.53 -6.73 8.37
N LEU B 343 -4.25 -5.73 7.53
CA LEU B 343 -3.02 -4.96 7.68
C LEU B 343 -2.96 -4.30 9.03
N THR B 344 -4.01 -3.57 9.40
CA THR B 344 -4.04 -2.95 10.72
C THR B 344 -3.82 -3.95 11.84
N SER B 345 -4.54 -5.08 11.81
CA SER B 345 -4.35 -6.07 12.86
C SER B 345 -2.90 -6.54 12.91
N LEU B 346 -2.26 -6.64 11.75
CA LEU B 346 -0.87 -7.07 11.74
C LEU B 346 0.04 -5.99 12.31
N SER B 347 -0.05 -4.75 11.80
CA SER B 347 0.59 -3.63 12.48
C SER B 347 0.36 -3.66 13.99
N ASN B 348 -0.77 -4.17 14.43
CA ASN B 348 -1.03 -4.11 15.86
C ASN B 348 -0.42 -5.29 16.62
N MET B 349 -0.22 -6.47 16.00
CA MET B 349 0.46 -7.52 16.77
C MET B 349 1.97 -7.30 16.76
N ILE B 350 2.48 -6.58 15.78
CA ILE B 350 3.89 -6.23 15.76
C ILE B 350 4.22 -5.29 16.92
N ASP B 351 3.36 -4.29 17.17
CA ASP B 351 3.56 -3.44 18.35
C ASP B 351 3.50 -4.26 19.64
N GLU B 352 2.51 -5.16 19.75
CA GLU B 352 2.41 -6.05 20.92
C GLU B 352 3.65 -6.89 21.10
N ALA B 353 4.26 -7.33 19.99
CA ALA B 353 5.46 -8.14 20.09
C ALA B 353 6.63 -7.32 20.62
N LEU B 354 6.80 -6.10 20.10
CA LEU B 354 7.98 -5.30 20.45
C LEU B 354 8.02 -4.97 21.94
N THR B 355 6.87 -4.96 22.61
CA THR B 355 6.78 -4.53 23.99
C THR B 355 6.87 -5.67 24.99
N ASP B 356 7.40 -6.81 24.60
CA ASP B 356 7.70 -7.83 25.59
C ASP B 356 9.14 -7.70 26.05
N GLU B 357 9.51 -8.56 26.98
CA GLU B 357 10.92 -8.79 27.28
C GLU B 357 11.68 -9.45 26.12
N ARG B 358 11.00 -9.87 25.06
CA ARG B 358 11.60 -10.84 24.15
C ARG B 358 12.72 -10.22 23.31
N TYR B 359 13.87 -10.90 23.35
CA TYR B 359 15.14 -10.54 22.76
C TYR B 359 15.17 -10.82 21.26
N SER B 360 16.10 -10.15 20.57
CA SER B 360 16.39 -10.42 19.16
C SER B 360 17.79 -10.99 19.00
N ALA B 361 17.93 -12.00 18.15
CA ALA B 361 19.25 -12.50 17.78
C ALA B 361 19.77 -11.86 16.51
N ILE B 362 18.89 -11.22 15.74
CA ILE B 362 19.27 -10.58 14.48
C ILE B 362 19.84 -9.19 14.73
N ASN B 363 19.02 -8.31 15.28
CA ASN B 363 19.41 -6.95 15.65
C ASN B 363 18.80 -6.68 17.01
N THR B 364 19.65 -6.60 18.02
CA THR B 364 19.17 -6.50 19.39
C THR B 364 18.34 -5.24 19.60
N THR B 365 18.45 -4.26 18.70
CA THR B 365 17.74 -2.99 18.72
C THR B 365 16.35 -3.10 18.09
N LYS B 366 15.91 -4.32 17.81
CA LYS B 366 14.62 -4.63 17.20
C LYS B 366 14.35 -3.66 16.06
N ASP B 367 15.42 -3.26 15.38
CA ASP B 367 15.42 -2.16 14.43
C ASP B 367 15.06 -2.64 13.03
N HIS B 368 15.07 -3.96 12.79
CA HIS B 368 14.59 -4.55 11.55
C HIS B 368 13.07 -4.67 11.56
N PHE B 369 12.48 -4.81 12.75
CA PHE B 369 11.04 -4.69 12.91
C PHE B 369 10.58 -3.33 12.44
N LYS B 370 11.44 -2.33 12.54
CA LYS B 370 11.02 -1.01 12.12
C LYS B 370 10.95 -0.92 10.59
N ARG B 371 11.71 -1.73 9.87
CA ARG B 371 11.55 -1.83 8.42
C ARG B 371 10.13 -2.29 8.05
N ILE B 372 9.61 -3.33 8.72
CA ILE B 372 8.28 -3.86 8.37
C ILE B 372 7.20 -2.85 8.75
N LEU B 373 7.33 -2.20 9.91
CA LEU B 373 6.29 -1.30 10.40
C LEU B 373 6.17 -0.04 9.55
N ILE B 374 7.28 0.55 9.12
CA ILE B 374 7.22 1.62 8.11
C ILE B 374 6.47 1.12 6.88
N SER B 375 7.02 0.09 6.25
CA SER B 375 6.50 -0.58 5.07
C SER B 375 5.00 -0.75 5.19
N LEU B 376 4.56 -1.15 6.37
CA LEU B 376 3.20 -1.58 6.58
C LEU B 376 2.28 -0.39 6.88
N ASN B 377 2.78 0.69 7.47
CA ASN B 377 1.95 1.87 7.68
C ASN B 377 2.01 2.86 6.52
N ILE B 378 3.10 2.90 5.74
CA ILE B 378 2.99 3.57 4.44
C ILE B 378 1.85 2.97 3.66
N GLN B 379 1.80 1.64 3.65
CA GLN B 379 0.81 0.96 2.83
C GLN B 379 -0.60 1.36 3.23
N LEU B 380 -0.84 1.49 4.55
CA LEU B 380 -2.05 1.98 5.19
C LEU B 380 -2.21 3.50 5.13
N GLU B 381 -1.40 4.22 4.36
CA GLU B 381 -1.52 5.66 4.22
C GLU B 381 -1.41 6.39 5.57
N ASN B 382 -0.79 5.76 6.56
CA ASN B 382 -0.86 6.20 7.95
C ASN B 382 0.33 7.08 8.32
N TRP B 383 0.59 8.10 7.49
CA TRP B 383 1.83 8.89 7.56
C TRP B 383 2.08 9.50 8.94
N GLU B 384 1.00 9.77 9.68
CA GLU B 384 1.03 10.08 11.10
C GLU B 384 1.98 9.14 11.83
N ARG B 385 1.67 7.85 11.79
CA ARG B 385 2.42 6.85 12.52
C ARG B 385 3.75 6.49 11.85
N VAL B 386 3.90 6.67 10.53
CA VAL B 386 5.19 6.33 9.92
C VAL B 386 6.23 7.36 10.30
N LYS B 387 5.81 8.63 10.38
CA LYS B 387 6.75 9.69 10.75
C LYS B 387 7.30 9.41 12.14
N GLU B 388 6.44 8.93 13.02
CA GLU B 388 6.80 8.50 14.37
C GLU B 388 7.84 7.39 14.35
N ILE B 389 7.42 6.16 14.02
CA ILE B 389 8.26 4.98 13.84
C ILE B 389 9.61 5.33 13.22
N SER B 390 9.61 6.34 12.34
CA SER B 390 10.83 6.70 11.62
C SER B 390 11.77 7.56 12.43
N GLY B 391 11.42 7.93 13.65
CA GLY B 391 12.35 8.60 14.53
C GLY B 391 12.91 7.62 15.53
N GLU B 392 12.05 6.71 16.02
CA GLU B 392 12.39 5.61 16.94
C GLU B 392 13.46 4.67 16.39
N ILE B 393 13.75 4.76 15.09
CA ILE B 393 14.92 4.10 14.52
C ILE B 393 16.20 4.49 15.25
N LYS B 394 17.08 3.51 15.48
CA LYS B 394 18.25 3.66 16.35
C LYS B 394 19.51 3.11 15.67
N ASN B 395 19.87 3.68 14.52
CA ASN B 395 21.04 3.23 13.77
C ASN B 395 21.15 4.04 12.48
N ASP B 396 22.36 4.41 12.07
CA ASP B 396 22.52 5.15 10.81
C ASP B 396 22.01 4.35 9.63
N ASN B 397 22.56 3.16 9.39
CA ASN B 397 22.43 2.56 8.07
C ASN B 397 21.02 2.05 7.75
N MET B 398 20.14 1.93 8.75
CA MET B 398 18.70 1.78 8.51
C MET B 398 18.06 3.10 8.08
N LYS B 399 18.27 4.18 8.86
CA LYS B 399 17.94 5.55 8.45
C LYS B 399 18.44 5.83 7.04
N LYS B 400 19.70 5.47 6.76
CA LYS B 400 20.30 5.58 5.43
C LYS B 400 19.52 4.76 4.40
N GLU B 401 18.94 3.63 4.84
CA GLU B 401 18.18 2.72 3.98
C GLU B 401 16.80 3.28 3.66
N ILE B 402 16.14 3.84 4.68
CA ILE B 402 14.78 4.33 4.53
C ILE B 402 14.73 5.59 3.67
N LYS B 403 15.62 6.56 3.93
CA LYS B 403 15.54 7.79 3.15
C LYS B 403 15.82 7.53 1.68
N GLN B 404 16.66 6.55 1.35
CA GLN B 404 16.91 6.34 -0.07
C GLN B 404 15.75 5.63 -0.74
N TYR B 405 14.99 4.85 0.02
CA TYR B 405 13.78 4.26 -0.54
C TYR B 405 12.62 5.24 -0.55
N LEU B 406 12.57 6.17 0.41
CA LEU B 406 11.54 7.21 0.39
C LEU B 406 11.68 8.12 -0.81
N ALA B 407 12.90 8.33 -1.29
CA ALA B 407 13.11 9.21 -2.44
C ALA B 407 12.70 8.53 -3.74
N ASN B 408 13.12 7.28 -3.96
CA ASN B 408 12.82 6.64 -5.24
C ASN B 408 11.31 6.49 -5.46
N SER B 409 10.52 6.51 -4.39
CA SER B 409 9.07 6.58 -4.55
C SER B 409 8.57 8.01 -4.52
N LEU B 410 9.30 8.90 -3.85
CA LEU B 410 9.06 10.34 -4.00
C LEU B 410 9.15 10.74 -5.46
N HIS B 411 10.12 10.17 -6.18
CA HIS B 411 10.35 10.52 -7.57
C HIS B 411 9.59 9.62 -8.52
N ASN B 412 9.12 8.46 -8.07
CA ASN B 412 8.17 7.72 -8.88
C ASN B 412 6.80 8.38 -8.85
N ILE B 413 6.45 9.01 -7.73
CA ILE B 413 5.19 9.74 -7.64
C ILE B 413 5.22 10.94 -8.55
N GLU B 414 6.16 11.84 -8.33
CA GLU B 414 6.13 13.00 -9.20
C GLU B 414 6.50 12.66 -10.65
N HIS B 415 6.70 11.39 -10.99
CA HIS B 415 6.75 10.96 -12.38
C HIS B 415 5.35 10.64 -12.94
N VAL B 416 4.53 9.92 -12.18
CA VAL B 416 3.16 9.70 -12.63
C VAL B 416 2.33 10.97 -12.44
N LEU B 417 2.59 11.74 -11.38
CA LEU B 417 1.95 13.03 -11.18
C LEU B 417 2.32 14.03 -12.28
N LYS B 418 3.49 13.86 -12.89
CA LYS B 418 3.86 14.62 -14.08
C LYS B 418 2.82 14.49 -15.18
N GLY B 419 2.59 13.25 -15.63
CA GLY B 419 1.91 12.99 -16.88
C GLY B 419 0.44 12.62 -16.77
N ILE B 420 -0.28 13.30 -15.88
CA ILE B 420 -1.74 13.22 -15.88
C ILE B 420 -2.30 14.61 -16.19
N GLU B 421 -2.06 15.58 -15.31
CA GLU B 421 -2.33 17.00 -15.59
C GLU B 421 -1.25 17.86 -14.95
#